data_5F3B
#
_entry.id   5F3B
#
_cell.length_a   66.090
_cell.length_b   67.616
_cell.length_c   78.559
_cell.angle_alpha   78.980
_cell.angle_beta   88.770
_cell.angle_gamma   67.440
#
_symmetry.space_group_name_H-M   'P 1'
#
loop_
_entity.id
_entity.type
_entity.pdbx_description
1 polymer 'RK35 Chimeric antibody heavy chain'
2 polymer 'RK35 Chimeric antibody light chain'
3 polymer 'Growth/differentiation factor 8'
4 non-polymer GLYCEROL
5 water water
#
loop_
_entity_poly.entity_id
_entity_poly.type
_entity_poly.pdbx_seq_one_letter_code
_entity_poly.pdbx_strand_id
1 'polypeptide(L)'
;EVQLVESGGGLVKPGGSLKLSCAASGFTFSSYAMSWVRQTPEKRLEWVATISSGGSYTSYPDSVKGRFTISRDNAKNTLY
LQMSSLRSEDTAMYYCARQDYAMNYWGQGTLVTVSSASTKGPSVFPLAPSSKSTSGGTAALGCLVKDYFPEPVTVSWNSG
ALTSGVHTFPAVLQSSGLYSLSSVVTVPSSSLGTQTYICNVNHKPSNTKVDKKVEPKSCDK
;
A,E
2 'polypeptide(L)'
;DIEMTQSHKFMSTSVGDRVSITCKASQDVSTAVAWYQQKPGQSPKLLLYSASYRYTGVPDRFTGSGSGTDFTFTISSVNA
EDLAVYYCQQHYSTPWTFGGGTKVEIKRTVAAPSVFIFPPSDEQLKSGTASVVCLLNNFYPREAKVQWKVDNALQSGNSQ
ESVTEQDSKDSTYSLSSTLTLSKADYEKHKVYACEVTHQGLSSPVTKSFNRGE
;
B,F
3 'polypeptide(L)'
;DFGLDCDEHSTESRCCRYPLTVDFEAFGWDWIIAPKRYKANYCSGECEFVFLQKYPHTHLVHQANPRGSAGPCCTPTKMS
PINMLYFNGKEQIIYGKIPAMVVDRCGCS
;
C,D
#
loop_
_chem_comp.id
_chem_comp.type
_chem_comp.name
_chem_comp.formula
GOL non-polymer GLYCEROL 'C3 H8 O3'
#
# COMPACT_ATOMS: atom_id res chain seq x y z
N GLU A 1 33.87 -20.82 -25.65
CA GLU A 1 34.34 -19.57 -26.29
C GLU A 1 33.29 -19.02 -27.24
N VAL A 2 32.90 -17.75 -27.04
CA VAL A 2 31.93 -17.11 -27.95
C VAL A 2 32.58 -16.95 -29.33
N GLN A 3 31.94 -17.48 -30.38
CA GLN A 3 32.45 -17.34 -31.75
C GLN A 3 31.29 -17.13 -32.71
N LEU A 4 31.45 -16.12 -33.56
CA LEU A 4 30.57 -15.81 -34.69
C LEU A 4 31.43 -15.89 -35.93
N VAL A 5 31.01 -16.68 -36.92
CA VAL A 5 31.77 -16.88 -38.15
C VAL A 5 30.90 -16.59 -39.37
N GLU A 6 31.19 -15.49 -40.05
CA GLU A 6 30.44 -15.12 -41.26
C GLU A 6 31.00 -15.83 -42.50
N SER A 7 30.13 -16.05 -43.50
CA SER A 7 30.50 -16.65 -44.79
C SER A 7 29.49 -16.26 -45.83
N GLY A 8 29.81 -16.55 -47.08
CA GLY A 8 28.91 -16.30 -48.20
C GLY A 8 29.20 -15.04 -48.98
N GLY A 9 30.14 -14.22 -48.52
CA GLY A 9 30.49 -12.99 -49.24
C GLY A 9 31.21 -13.28 -50.55
N GLY A 10 31.24 -12.30 -51.43
CA GLY A 10 31.92 -12.45 -52.70
C GLY A 10 31.62 -11.30 -53.64
N LEU A 11 32.00 -11.45 -54.91
CA LEU A 11 31.74 -10.47 -55.95
C LEU A 11 30.35 -10.76 -56.56
N VAL A 12 29.50 -9.74 -56.65
N VAL A 12 29.52 -9.72 -56.66
CA VAL A 12 28.14 -9.82 -57.22
CA VAL A 12 28.15 -9.79 -57.18
C VAL A 12 27.90 -8.57 -58.07
C VAL A 12 27.88 -8.54 -58.04
N LYS A 13 27.19 -8.72 -59.17
CA LYS A 13 26.87 -7.61 -60.06
C LYS A 13 25.77 -6.74 -59.45
N PRO A 14 25.73 -5.42 -59.76
CA PRO A 14 24.61 -4.59 -59.26
C PRO A 14 23.28 -5.16 -59.76
N GLY A 15 22.28 -5.14 -58.88
CA GLY A 15 20.97 -5.71 -59.13
C GLY A 15 20.90 -7.17 -58.69
N GLY A 16 22.06 -7.75 -58.36
CA GLY A 16 22.17 -9.16 -57.99
C GLY A 16 21.76 -9.45 -56.56
N SER A 17 21.80 -10.74 -56.18
CA SER A 17 21.45 -11.25 -54.86
C SER A 17 22.59 -12.08 -54.27
N LEU A 18 22.65 -12.14 -52.93
CA LEU A 18 23.65 -12.93 -52.23
C LEU A 18 23.09 -13.21 -50.84
N LYS A 19 23.35 -14.41 -50.33
CA LYS A 19 22.93 -14.76 -48.98
C LYS A 19 24.14 -15.03 -48.08
N LEU A 20 24.24 -14.28 -46.99
CA LEU A 20 25.31 -14.44 -46.02
C LEU A 20 24.82 -15.30 -44.89
N SER A 21 25.73 -16.07 -44.30
CA SER A 21 25.47 -16.90 -43.13
C SER A 21 26.42 -16.50 -42.01
N CYS A 22 26.00 -16.78 -40.78
CA CYS A 22 26.80 -16.52 -39.61
C CYS A 22 26.59 -17.70 -38.65
N ALA A 23 27.66 -18.47 -38.42
CA ALA A 23 27.64 -19.64 -37.53
C ALA A 23 28.00 -19.20 -36.12
N ALA A 24 27.06 -19.39 -35.20
CA ALA A 24 27.20 -19.01 -33.80
C ALA A 24 27.50 -20.20 -32.91
N SER A 25 28.42 -20.00 -31.95
CA SER A 25 28.70 -21.01 -30.93
C SER A 25 29.25 -20.35 -29.66
N GLY A 26 29.28 -21.11 -28.57
CA GLY A 26 29.83 -20.66 -27.31
C GLY A 26 28.90 -19.83 -26.45
N PHE A 27 27.60 -19.82 -26.75
CA PHE A 27 26.60 -19.09 -25.97
C PHE A 27 25.23 -19.63 -26.38
N THR A 28 24.18 -19.28 -25.63
CA THR A 28 22.84 -19.76 -25.95
C THR A 28 22.32 -18.84 -27.04
N PHE A 29 22.46 -19.26 -28.31
CA PHE A 29 22.04 -18.49 -29.50
C PHE A 29 20.59 -18.03 -29.43
N SER A 30 19.67 -18.94 -29.04
CA SER A 30 18.22 -18.65 -28.97
C SER A 30 17.81 -17.60 -27.92
N SER A 31 18.71 -17.22 -27.03
N SER A 31 18.72 -17.23 -27.01
CA SER A 31 18.40 -16.21 -26.01
CA SER A 31 18.48 -16.24 -25.98
C SER A 31 18.93 -14.82 -26.42
C SER A 31 19.08 -14.86 -26.33
N TYR A 32 19.66 -14.73 -27.54
CA TYR A 32 20.23 -13.46 -27.99
C TYR A 32 19.62 -12.89 -29.20
N ALA A 33 19.35 -11.57 -29.15
CA ALA A 33 19.02 -10.76 -30.32
C ALA A 33 20.36 -10.70 -31.09
N MET A 34 20.31 -10.57 -32.41
CA MET A 34 21.52 -10.56 -33.25
C MET A 34 21.47 -9.43 -34.28
N SER A 35 22.64 -8.98 -34.77
CA SER A 35 22.62 -7.90 -35.75
C SER A 35 23.64 -8.12 -36.81
N TRP A 36 23.45 -7.42 -37.95
CA TRP A 36 24.45 -7.34 -39.01
C TRP A 36 24.90 -5.87 -39.02
N VAL A 37 26.21 -5.64 -39.18
CA VAL A 37 26.83 -4.30 -39.25
C VAL A 37 27.89 -4.40 -40.31
N ARG A 38 28.05 -3.35 -41.11
CA ARG A 38 29.05 -3.39 -42.18
C ARG A 38 30.06 -2.26 -42.06
N GLN A 39 31.25 -2.49 -42.63
CA GLN A 39 32.29 -1.48 -42.67
C GLN A 39 32.65 -1.24 -44.13
N THR A 40 32.39 -0.01 -44.60
CA THR A 40 32.61 0.39 -45.99
C THR A 40 34.11 0.47 -46.32
N PRO A 41 34.48 0.63 -47.63
CA PRO A 41 35.91 0.78 -47.96
C PRO A 41 36.55 2.03 -47.33
N GLU A 42 35.73 3.07 -47.02
CA GLU A 42 36.17 4.30 -46.33
C GLU A 42 36.28 4.06 -44.79
N LYS A 43 36.00 2.82 -44.32
CA LYS A 43 36.08 2.43 -42.90
C LYS A 43 34.91 2.96 -42.07
N ARG A 44 33.84 3.38 -42.74
CA ARG A 44 32.63 3.87 -42.10
C ARG A 44 31.81 2.66 -41.62
N LEU A 45 31.35 2.69 -40.36
CA LEU A 45 30.52 1.63 -39.79
C LEU A 45 29.06 1.95 -40.01
N GLU A 46 28.29 0.97 -40.51
CA GLU A 46 26.88 1.17 -40.76
C GLU A 46 26.08 -0.01 -40.24
N TRP A 47 25.07 0.27 -39.40
CA TRP A 47 24.17 -0.77 -38.90
C TRP A 47 23.32 -1.24 -40.09
N VAL A 48 23.15 -2.56 -40.23
CA VAL A 48 22.42 -3.18 -41.35
C VAL A 48 21.06 -3.78 -40.98
N ALA A 49 20.97 -4.49 -39.85
CA ALA A 49 19.72 -5.17 -39.48
C ALA A 49 19.85 -5.70 -38.10
N THR A 50 18.70 -5.84 -37.40
CA THR A 50 18.64 -6.48 -36.07
C THR A 50 17.44 -7.38 -36.06
N ILE A 51 17.55 -8.55 -35.37
CA ILE A 51 16.50 -9.55 -35.22
C ILE A 51 16.39 -9.93 -33.76
N SER A 52 15.14 -10.09 -33.27
CA SER A 52 14.94 -10.50 -31.88
C SER A 52 15.42 -11.94 -31.67
N SER A 53 15.61 -12.34 -30.41
CA SER A 53 16.07 -13.71 -30.03
C SER A 53 15.20 -14.83 -30.65
N GLY A 54 13.89 -14.60 -30.65
CA GLY A 54 12.91 -15.55 -31.19
C GLY A 54 12.68 -15.47 -32.68
N GLY A 55 13.14 -14.36 -33.30
CA GLY A 55 13.01 -14.14 -34.72
C GLY A 55 11.81 -13.36 -35.24
N SER A 56 10.81 -13.08 -34.38
CA SER A 56 9.58 -12.37 -34.82
C SER A 56 9.79 -10.91 -35.16
N TYR A 57 10.69 -10.23 -34.46
CA TYR A 57 10.88 -8.78 -34.65
C TYR A 57 12.18 -8.48 -35.38
N THR A 58 12.08 -7.60 -36.38
CA THR A 58 13.23 -7.16 -37.20
C THR A 58 13.20 -5.66 -37.37
N SER A 59 14.37 -5.07 -37.60
CA SER A 59 14.46 -3.64 -37.86
C SER A 59 15.60 -3.41 -38.82
N TYR A 60 15.44 -2.40 -39.69
CA TYR A 60 16.43 -2.12 -40.74
C TYR A 60 16.56 -0.62 -40.96
N PRO A 61 17.73 -0.14 -41.42
CA PRO A 61 17.79 1.27 -41.85
C PRO A 61 17.11 1.34 -43.23
N ASP A 62 16.58 2.52 -43.60
CA ASP A 62 15.93 2.73 -44.92
C ASP A 62 16.84 2.43 -46.11
N SER A 63 18.17 2.54 -45.93
CA SER A 63 19.17 2.24 -46.98
C SER A 63 19.05 0.82 -47.51
N VAL A 64 18.62 -0.15 -46.66
CA VAL A 64 18.51 -1.56 -47.09
C VAL A 64 17.09 -2.12 -46.96
N LYS A 65 16.22 -1.40 -46.28
CA LYS A 65 14.86 -1.88 -46.05
C LYS A 65 14.17 -2.20 -47.36
N GLY A 66 13.54 -3.36 -47.44
CA GLY A 66 12.87 -3.82 -48.65
C GLY A 66 13.79 -4.58 -49.61
N ARG A 67 15.11 -4.55 -49.36
CA ARG A 67 16.08 -5.27 -50.22
C ARG A 67 16.75 -6.38 -49.43
N PHE A 68 17.05 -6.08 -48.15
CA PHE A 68 17.70 -7.06 -47.27
C PHE A 68 16.71 -7.68 -46.31
N THR A 69 16.91 -8.96 -46.00
CA THR A 69 16.10 -9.65 -45.00
C THR A 69 17.04 -10.39 -44.03
N ILE A 70 16.92 -10.08 -42.74
CA ILE A 70 17.65 -10.78 -41.67
C ILE A 70 16.73 -11.90 -41.22
N SER A 71 17.27 -13.09 -40.98
CA SER A 71 16.49 -14.23 -40.48
C SER A 71 17.43 -15.09 -39.66
N ARG A 72 16.91 -16.11 -39.00
CA ARG A 72 17.73 -16.98 -38.16
C ARG A 72 17.09 -18.34 -38.09
N ASP A 73 17.93 -19.34 -37.78
CA ASP A 73 17.48 -20.71 -37.55
C ASP A 73 18.11 -21.08 -36.22
N ASN A 74 17.33 -20.97 -35.15
CA ASN A 74 17.82 -21.27 -33.82
C ASN A 74 18.27 -22.72 -33.66
N ALA A 75 17.55 -23.67 -34.27
CA ALA A 75 17.93 -25.09 -34.22
C ALA A 75 19.29 -25.33 -34.89
N LYS A 76 19.65 -24.50 -35.88
CA LYS A 76 20.92 -24.62 -36.61
C LYS A 76 22.01 -23.63 -36.13
N ASN A 77 21.72 -22.85 -35.06
CA ASN A 77 22.62 -21.84 -34.49
C ASN A 77 23.20 -20.94 -35.60
N THR A 78 22.34 -20.53 -36.53
CA THR A 78 22.79 -19.75 -37.69
C THR A 78 21.91 -18.51 -37.86
N LEU A 79 22.57 -17.40 -38.21
CA LEU A 79 21.97 -16.11 -38.55
C LEU A 79 22.19 -15.94 -40.05
N TYR A 80 21.21 -15.34 -40.74
CA TYR A 80 21.33 -15.10 -42.18
C TYR A 80 21.12 -13.65 -42.55
N LEU A 81 21.63 -13.28 -43.72
CA LEU A 81 21.35 -11.97 -44.30
C LEU A 81 21.12 -12.21 -45.78
N GLN A 82 19.87 -12.14 -46.22
CA GLN A 82 19.55 -12.30 -47.65
C GLN A 82 19.59 -10.90 -48.23
N MET A 83 20.45 -10.68 -49.21
CA MET A 83 20.59 -9.38 -49.87
C MET A 83 20.04 -9.51 -51.30
N SER A 84 19.37 -8.47 -51.80
CA SER A 84 18.82 -8.47 -53.17
C SER A 84 18.89 -7.04 -53.70
N SER A 85 18.70 -6.84 -55.03
CA SER A 85 18.80 -5.51 -55.67
C SER A 85 20.07 -4.79 -55.16
N LEU A 86 21.20 -5.51 -55.18
CA LEU A 86 22.45 -4.99 -54.65
C LEU A 86 22.93 -3.78 -55.38
N ARG A 87 23.44 -2.84 -54.60
CA ARG A 87 23.91 -1.54 -55.07
C ARG A 87 25.39 -1.42 -54.78
N SER A 88 26.06 -0.59 -55.57
CA SER A 88 27.47 -0.29 -55.44
C SER A 88 27.83 0.07 -53.98
N GLU A 89 27.01 0.92 -53.32
CA GLU A 89 27.26 1.36 -51.93
C GLU A 89 27.09 0.25 -50.88
N ASP A 90 26.60 -0.94 -51.28
CA ASP A 90 26.49 -2.10 -50.37
C ASP A 90 27.84 -2.78 -50.25
N THR A 91 28.85 -2.36 -51.07
CA THR A 91 30.21 -2.92 -50.98
C THR A 91 30.75 -2.64 -49.58
N ALA A 92 31.12 -3.70 -48.84
CA ALA A 92 31.60 -3.57 -47.47
C ALA A 92 32.01 -4.91 -46.89
N MET A 93 32.68 -4.85 -45.73
CA MET A 93 32.94 -6.06 -44.95
C MET A 93 31.67 -6.19 -44.08
N TYR A 94 31.02 -7.35 -44.12
CA TYR A 94 29.81 -7.59 -43.32
C TYR A 94 30.10 -8.40 -42.08
N TYR A 95 29.73 -7.85 -40.93
CA TYR A 95 29.91 -8.46 -39.63
C TYR A 95 28.60 -8.86 -38.97
N CYS A 96 28.57 -10.02 -38.33
N CYS A 96 28.66 -9.97 -38.25
CA CYS A 96 27.41 -10.39 -37.52
CA CYS A 96 27.60 -10.57 -37.46
C CYS A 96 27.89 -10.18 -36.09
C CYS A 96 27.95 -10.24 -36.02
N ALA A 97 26.97 -9.84 -35.19
CA ALA A 97 27.28 -9.53 -33.79
C ALA A 97 26.11 -9.85 -32.92
N ARG A 98 26.39 -10.20 -31.66
CA ARG A 98 25.31 -10.37 -30.68
C ARG A 98 24.82 -8.97 -30.34
N GLN A 99 23.54 -8.83 -30.05
CA GLN A 99 22.91 -7.55 -29.75
C GLN A 99 22.36 -7.50 -28.32
N ASP A 100 22.90 -6.62 -27.50
CA ASP A 100 22.35 -6.29 -26.17
C ASP A 100 21.96 -4.81 -26.32
N TYR A 101 22.37 -3.89 -25.42
CA TYR A 101 22.16 -2.46 -25.67
C TYR A 101 23.02 -2.08 -26.93
N ALA A 102 24.22 -2.70 -27.06
CA ALA A 102 25.15 -2.50 -28.18
C ALA A 102 25.66 -3.86 -28.75
N MET A 103 26.41 -3.83 -29.87
CA MET A 103 26.88 -5.03 -30.58
C MET A 103 28.17 -5.54 -29.96
N ASN A 104 28.20 -6.83 -29.66
CA ASN A 104 29.36 -7.47 -29.04
C ASN A 104 29.74 -8.79 -29.70
N TYR A 105 31.02 -9.18 -29.50
CA TYR A 105 31.63 -10.40 -30.07
C TYR A 105 31.43 -10.50 -31.58
N TRP A 106 31.70 -9.39 -32.28
CA TRP A 106 31.59 -9.33 -33.74
C TRP A 106 32.50 -10.40 -34.36
N GLY A 107 32.02 -11.06 -35.41
CA GLY A 107 32.83 -12.04 -36.14
C GLY A 107 33.95 -11.36 -36.90
N GLN A 108 34.74 -12.12 -37.68
CA GLN A 108 35.83 -11.52 -38.44
C GLN A 108 35.40 -10.93 -39.78
N GLY A 109 34.16 -11.17 -40.14
CA GLY A 109 33.57 -10.58 -41.33
C GLY A 109 33.63 -11.39 -42.61
N THR A 110 32.74 -11.06 -43.54
CA THR A 110 32.69 -11.62 -44.89
C THR A 110 32.60 -10.45 -45.88
N LEU A 111 33.48 -10.42 -46.90
CA LEU A 111 33.57 -9.31 -47.81
C LEU A 111 32.62 -9.42 -48.98
N VAL A 112 31.84 -8.37 -49.19
CA VAL A 112 30.89 -8.26 -50.29
C VAL A 112 31.32 -7.11 -51.18
N THR A 113 31.53 -7.41 -52.48
CA THR A 113 31.91 -6.40 -53.47
C THR A 113 30.82 -6.34 -54.52
N VAL A 114 30.29 -5.16 -54.76
CA VAL A 114 29.22 -5.01 -55.78
C VAL A 114 29.76 -4.24 -56.94
N SER A 115 29.90 -4.91 -58.08
CA SER A 115 30.48 -4.31 -59.28
C SER A 115 30.18 -5.15 -60.50
N SER A 116 30.22 -4.51 -61.69
N SER A 116 30.20 -4.51 -61.69
CA SER A 116 30.07 -5.25 -62.95
CA SER A 116 30.04 -5.28 -62.94
C SER A 116 31.43 -5.69 -63.51
C SER A 116 31.41 -5.75 -63.45
N ALA A 117 32.53 -5.28 -62.85
CA ALA A 117 33.89 -5.69 -63.28
C ALA A 117 34.13 -7.19 -63.05
N SER A 118 34.86 -7.83 -63.97
CA SER A 118 35.10 -9.25 -63.85
C SER A 118 36.24 -9.51 -62.89
N THR A 119 36.25 -10.71 -62.31
CA THR A 119 37.34 -11.18 -61.46
C THR A 119 38.60 -11.20 -62.35
N LYS A 120 39.75 -10.73 -61.79
CA LYS A 120 41.00 -10.69 -62.51
C LYS A 120 42.14 -11.00 -61.56
N GLY A 121 42.96 -11.98 -61.93
CA GLY A 121 44.13 -12.36 -61.15
C GLY A 121 45.23 -11.34 -61.32
N PRO A 122 46.13 -11.17 -60.32
CA PRO A 122 47.17 -10.15 -60.46
C PRO A 122 48.36 -10.58 -61.32
N SER A 123 49.12 -9.58 -61.78
CA SER A 123 50.41 -9.77 -62.42
C SER A 123 51.38 -9.52 -61.24
N VAL A 124 52.43 -10.32 -61.10
CA VAL A 124 53.36 -10.16 -59.98
C VAL A 124 54.72 -9.81 -60.54
N PHE A 125 55.23 -8.61 -60.21
CA PHE A 125 56.53 -8.17 -60.72
C PHE A 125 57.55 -7.99 -59.60
N PRO A 126 58.84 -8.28 -59.85
CA PRO A 126 59.83 -8.12 -58.80
C PRO A 126 60.21 -6.66 -58.57
N LEU A 127 60.53 -6.32 -57.32
CA LEU A 127 61.09 -5.03 -56.91
C LEU A 127 62.51 -5.48 -56.54
N ALA A 128 63.39 -5.55 -57.55
CA ALA A 128 64.75 -6.12 -57.39
C ALA A 128 65.63 -5.31 -56.47
N PRO A 129 66.43 -5.99 -55.59
CA PRO A 129 67.33 -5.24 -54.70
C PRO A 129 68.37 -4.45 -55.50
N SER A 130 68.62 -3.18 -55.12
CA SER A 130 69.55 -2.29 -55.81
C SER A 130 70.98 -2.87 -55.84
N SER A 131 71.68 -2.74 -57.01
CA SER A 131 73.07 -3.19 -57.15
C SER A 131 74.00 -2.30 -56.30
N LYS A 132 73.47 -1.14 -55.85
CA LYS A 132 74.14 -0.14 -55.03
C LYS A 132 73.85 -0.34 -53.52
N SER A 133 73.27 -1.51 -53.12
CA SER A 133 72.97 -1.83 -51.72
C SER A 133 74.30 -1.83 -50.96
N THR A 134 74.37 -1.05 -49.85
CA THR A 134 75.54 -0.88 -48.98
C THR A 134 76.12 -2.23 -48.50
N SER A 135 77.39 -2.51 -48.90
CA SER A 135 78.19 -3.71 -48.63
C SER A 135 77.80 -4.56 -47.40
N GLY A 136 77.86 -3.96 -46.22
CA GLY A 136 77.50 -4.64 -44.97
C GLY A 136 76.30 -4.01 -44.29
N GLY A 137 75.46 -3.34 -45.08
CA GLY A 137 74.25 -2.67 -44.63
C GLY A 137 72.97 -3.43 -44.88
N THR A 138 71.89 -2.67 -45.07
CA THR A 138 70.54 -3.17 -45.29
C THR A 138 70.07 -2.92 -46.73
N ALA A 139 69.45 -3.93 -47.32
CA ALA A 139 68.90 -3.88 -48.65
C ALA A 139 67.36 -4.07 -48.57
N ALA A 140 66.64 -3.58 -49.57
CA ALA A 140 65.20 -3.77 -49.63
C ALA A 140 64.88 -4.44 -50.94
N LEU A 141 63.87 -5.32 -50.92
CA LEU A 141 63.41 -5.98 -52.13
C LEU A 141 61.92 -6.18 -51.94
N GLY A 142 61.23 -6.60 -52.99
CA GLY A 142 59.80 -6.84 -52.85
C GLY A 142 59.13 -7.35 -54.10
N CYS A 143 57.80 -7.32 -54.06
CA CYS A 143 56.97 -7.74 -55.17
C CYS A 143 55.88 -6.72 -55.34
N LEU A 144 55.60 -6.37 -56.59
CA LEU A 144 54.50 -5.49 -56.95
C LEU A 144 53.36 -6.43 -57.45
N VAL A 145 52.23 -6.38 -56.77
CA VAL A 145 51.07 -7.24 -57.04
C VAL A 145 50.05 -6.33 -57.70
N LYS A 146 50.05 -6.32 -59.02
CA LYS A 146 49.32 -5.35 -59.80
C LYS A 146 48.11 -5.87 -60.56
N ASP A 147 47.08 -5.01 -60.65
CA ASP A 147 45.90 -5.19 -61.48
C ASP A 147 45.06 -6.41 -61.16
N TYR A 148 44.56 -6.47 -59.93
CA TYR A 148 43.68 -7.57 -59.56
C TYR A 148 42.31 -7.04 -59.08
N PHE A 149 41.32 -7.92 -59.10
CA PHE A 149 39.96 -7.60 -58.68
C PHE A 149 39.20 -8.90 -58.42
N PRO A 150 38.33 -8.94 -57.40
CA PRO A 150 38.19 -7.96 -56.30
C PRO A 150 39.27 -8.18 -55.25
N GLU A 151 39.18 -7.46 -54.12
CA GLU A 151 40.04 -7.75 -52.97
C GLU A 151 39.56 -9.13 -52.39
N PRO A 152 40.38 -9.88 -51.62
CA PRO A 152 41.73 -9.57 -51.14
C PRO A 152 42.82 -10.45 -51.80
N VAL A 153 44.07 -10.10 -51.57
CA VAL A 153 45.23 -10.90 -51.94
C VAL A 153 46.01 -11.13 -50.64
N THR A 154 46.68 -12.25 -50.54
CA THR A 154 47.55 -12.50 -49.39
C THR A 154 48.95 -12.61 -49.99
N VAL A 155 49.95 -12.15 -49.25
CA VAL A 155 51.34 -12.28 -49.70
C VAL A 155 52.12 -12.84 -48.51
N SER A 156 52.98 -13.83 -48.78
CA SER A 156 53.93 -14.34 -47.80
C SER A 156 55.29 -14.36 -48.50
N TRP A 157 56.37 -14.53 -47.72
CA TRP A 157 57.73 -14.60 -48.23
C TRP A 157 58.32 -15.92 -47.81
N ASN A 158 58.94 -16.63 -48.77
CA ASN A 158 59.61 -17.93 -48.55
C ASN A 158 58.70 -18.94 -47.87
N SER A 159 57.43 -19.00 -48.32
CA SER A 159 56.37 -19.90 -47.79
C SER A 159 56.15 -19.73 -46.29
N GLY A 160 56.36 -18.52 -45.79
CA GLY A 160 56.16 -18.19 -44.37
C GLY A 160 57.41 -18.23 -43.52
N ALA A 161 58.56 -18.62 -44.11
CA ALA A 161 59.85 -18.68 -43.39
C ALA A 161 60.42 -17.25 -43.21
N LEU A 162 60.01 -16.30 -44.08
CA LEU A 162 60.46 -14.91 -43.94
C LEU A 162 59.27 -14.02 -43.52
N THR A 163 59.30 -13.52 -42.27
N THR A 163 59.28 -13.51 -42.28
CA THR A 163 58.23 -12.66 -41.75
CA THR A 163 58.21 -12.64 -41.76
C THR A 163 58.75 -11.34 -41.18
C THR A 163 58.75 -11.34 -41.18
N SER A 164 59.95 -11.37 -40.57
CA SER A 164 60.58 -10.20 -39.97
C SER A 164 61.04 -9.17 -41.03
N GLY A 165 60.73 -7.90 -40.78
CA GLY A 165 61.07 -6.79 -41.68
C GLY A 165 60.18 -6.69 -42.91
N VAL A 166 59.10 -7.51 -42.99
CA VAL A 166 58.16 -7.52 -44.13
C VAL A 166 57.13 -6.40 -43.91
N HIS A 167 56.82 -5.63 -44.96
CA HIS A 167 55.75 -4.64 -44.95
C HIS A 167 54.88 -4.92 -46.18
N THR A 168 53.64 -5.41 -45.98
CA THR A 168 52.68 -5.62 -47.09
C THR A 168 51.72 -4.46 -47.00
N PHE A 169 51.78 -3.56 -47.97
CA PHE A 169 51.01 -2.32 -47.92
C PHE A 169 49.53 -2.53 -48.22
N PRO A 170 48.65 -1.63 -47.69
CA PRO A 170 47.24 -1.65 -48.12
C PRO A 170 47.18 -1.43 -49.63
N ALA A 171 46.27 -2.13 -50.28
CA ALA A 171 46.08 -2.00 -51.73
C ALA A 171 45.55 -0.62 -52.09
N VAL A 172 45.89 -0.13 -53.29
CA VAL A 172 45.35 1.13 -53.80
C VAL A 172 44.37 0.76 -54.93
N LEU A 173 43.24 1.48 -55.01
CA LEU A 173 42.30 1.27 -56.07
C LEU A 173 42.70 2.23 -57.18
N GLN A 174 43.17 1.68 -58.31
CA GLN A 174 43.64 2.49 -59.44
C GLN A 174 42.47 3.08 -60.21
N SER A 175 42.78 4.05 -61.11
CA SER A 175 41.75 4.71 -61.94
C SER A 175 41.03 3.67 -62.82
N SER A 176 41.66 2.53 -63.11
CA SER A 176 41.10 1.42 -63.91
C SER A 176 40.03 0.60 -63.18
N GLY A 177 39.87 0.82 -61.87
CA GLY A 177 38.94 0.04 -61.05
C GLY A 177 39.59 -1.24 -60.54
N LEU A 178 40.91 -1.42 -60.82
CA LEU A 178 41.68 -2.59 -60.39
C LEU A 178 42.60 -2.23 -59.23
N TYR A 179 42.84 -3.18 -58.33
CA TYR A 179 43.70 -2.94 -57.17
C TYR A 179 45.17 -3.23 -57.50
N SER A 180 46.06 -2.69 -56.69
CA SER A 180 47.49 -2.91 -56.81
C SER A 180 48.08 -2.69 -55.45
N LEU A 181 49.05 -3.51 -55.12
CA LEU A 181 49.77 -3.36 -53.84
C LEU A 181 51.20 -3.80 -53.97
N SER A 182 52.05 -3.37 -53.03
N SER A 182 52.04 -3.36 -53.02
CA SER A 182 53.42 -3.84 -52.98
CA SER A 182 53.41 -3.83 -52.96
C SER A 182 53.67 -4.49 -51.63
C SER A 182 53.65 -4.51 -51.62
N SER A 183 54.56 -5.48 -51.61
CA SER A 183 54.98 -6.16 -50.39
C SER A 183 56.51 -6.06 -50.44
N VAL A 184 57.11 -5.53 -49.38
CA VAL A 184 58.57 -5.34 -49.35
C VAL A 184 59.16 -6.03 -48.12
N VAL A 185 60.48 -6.24 -48.15
CA VAL A 185 61.20 -6.80 -47.02
C VAL A 185 62.59 -6.19 -46.98
N THR A 186 63.11 -5.90 -45.78
CA THR A 186 64.49 -5.43 -45.66
C THR A 186 65.29 -6.58 -45.08
N VAL A 187 66.44 -6.84 -45.69
CA VAL A 187 67.33 -7.94 -45.31
C VAL A 187 68.78 -7.42 -45.33
N PRO A 188 69.74 -8.14 -44.71
CA PRO A 188 71.13 -7.69 -44.80
C PRO A 188 71.61 -7.76 -46.25
N SER A 189 72.35 -6.75 -46.71
CA SER A 189 72.88 -6.77 -48.10
C SER A 189 73.75 -7.99 -48.34
N SER A 190 74.43 -8.50 -47.28
N SER A 190 74.45 -8.49 -47.30
CA SER A 190 75.32 -9.67 -47.35
CA SER A 190 75.32 -9.66 -47.42
C SER A 190 74.58 -10.97 -47.65
C SER A 190 74.57 -10.95 -47.75
N SER A 191 73.25 -11.01 -47.47
CA SER A 191 72.43 -12.19 -47.76
C SER A 191 72.05 -12.29 -49.23
N LEU A 192 72.12 -11.17 -49.98
CA LEU A 192 71.70 -11.12 -51.39
C LEU A 192 72.59 -12.04 -52.20
N GLY A 193 72.02 -12.84 -53.08
CA GLY A 193 72.86 -13.73 -53.87
C GLY A 193 73.21 -15.07 -53.23
N THR A 194 72.81 -15.32 -51.96
CA THR A 194 72.96 -16.63 -51.35
C THR A 194 71.59 -17.11 -50.89
N GLN A 195 70.82 -16.22 -50.27
CA GLN A 195 69.48 -16.54 -49.78
C GLN A 195 68.48 -16.25 -50.89
N THR A 196 67.65 -17.22 -51.23
CA THR A 196 66.63 -16.97 -52.27
C THR A 196 65.44 -16.31 -51.60
N TYR A 197 64.82 -15.38 -52.33
CA TYR A 197 63.66 -14.63 -51.84
C TYR A 197 62.53 -14.79 -52.81
N ILE A 198 61.45 -15.40 -52.36
CA ILE A 198 60.28 -15.68 -53.18
C ILE A 198 59.05 -15.10 -52.49
N CYS A 199 58.24 -14.33 -53.25
CA CYS A 199 56.97 -13.85 -52.70
C CYS A 199 55.90 -14.80 -53.21
N ASN A 200 55.07 -15.28 -52.29
CA ASN A 200 53.98 -16.20 -52.62
C ASN A 200 52.70 -15.37 -52.59
N VAL A 201 52.10 -15.17 -53.73
CA VAL A 201 50.89 -14.35 -53.85
C VAL A 201 49.69 -15.26 -54.09
N ASN A 202 48.63 -15.07 -53.30
CA ASN A 202 47.40 -15.83 -53.46
C ASN A 202 46.23 -14.88 -53.60
N HIS A 203 45.50 -15.02 -54.71
CA HIS A 203 44.29 -14.27 -55.01
C HIS A 203 43.17 -15.30 -55.10
N LYS A 204 42.61 -15.63 -53.94
CA LYS A 204 41.52 -16.61 -53.81
C LYS A 204 40.32 -16.28 -54.73
N PRO A 205 39.86 -14.99 -54.87
CA PRO A 205 38.75 -14.73 -55.79
C PRO A 205 38.92 -15.26 -57.21
N SER A 206 40.15 -15.29 -57.77
CA SER A 206 40.38 -15.80 -59.13
C SER A 206 41.03 -17.19 -59.11
N ASN A 207 41.24 -17.76 -57.92
CA ASN A 207 41.92 -19.04 -57.69
C ASN A 207 43.32 -18.98 -58.36
N THR A 208 44.07 -17.88 -58.12
CA THR A 208 45.39 -17.69 -58.71
C THR A 208 46.43 -17.66 -57.64
N LYS A 209 47.51 -18.39 -57.89
CA LYS A 209 48.64 -18.52 -56.98
C LYS A 209 49.90 -18.29 -57.78
N VAL A 210 50.74 -17.34 -57.33
CA VAL A 210 51.97 -16.99 -58.03
C VAL A 210 53.13 -16.94 -57.04
N ASP A 211 54.23 -17.61 -57.39
CA ASP A 211 55.46 -17.56 -56.61
C ASP A 211 56.44 -16.85 -57.53
N LYS A 212 56.95 -15.69 -57.08
CA LYS A 212 57.90 -14.94 -57.89
C LYS A 212 59.23 -14.86 -57.16
N LYS A 213 60.32 -15.33 -57.82
CA LYS A 213 61.63 -15.20 -57.24
C LYS A 213 62.08 -13.77 -57.48
N VAL A 214 62.65 -13.13 -56.45
CA VAL A 214 63.12 -11.74 -56.52
C VAL A 214 64.64 -11.78 -56.29
N GLU A 215 65.38 -11.39 -57.32
CA GLU A 215 66.84 -11.43 -57.24
C GLU A 215 67.49 -10.16 -57.75
N PRO A 216 68.78 -9.90 -57.40
CA PRO A 216 69.47 -8.76 -58.02
C PRO A 216 69.46 -8.93 -59.54
N LYS A 217 69.30 -7.82 -60.26
CA LYS A 217 69.25 -7.84 -61.73
C LYS A 217 70.64 -8.09 -62.32
N SER A 218 70.75 -9.07 -63.26
CA SER A 218 72.00 -9.48 -63.92
C SER A 218 72.71 -8.33 -64.67
N ASP B 1 17.66 11.44 -39.38
CA ASP B 1 18.57 10.51 -38.70
C ASP B 1 19.54 11.26 -37.79
N ILE B 2 19.99 10.59 -36.72
CA ILE B 2 20.97 11.16 -35.77
C ILE B 2 22.39 11.03 -36.32
N GLU B 3 23.13 12.15 -36.28
CA GLU B 3 24.52 12.18 -36.71
C GLU B 3 25.42 12.20 -35.48
N MET B 4 26.45 11.34 -35.49
CA MET B 4 27.40 11.27 -34.40
C MET B 4 28.71 11.85 -34.93
N THR B 5 29.25 12.87 -34.27
CA THR B 5 30.47 13.52 -34.73
C THR B 5 31.61 13.36 -33.77
N GLN B 6 32.71 12.80 -34.26
CA GLN B 6 33.96 12.71 -33.54
C GLN B 6 34.88 13.75 -34.29
N SER B 7 35.07 14.94 -33.70
N SER B 7 35.07 14.93 -33.68
CA SER B 7 35.84 16.03 -34.34
CA SER B 7 35.85 16.06 -34.22
C SER B 7 37.33 15.72 -34.54
C SER B 7 37.31 15.73 -34.51
N HIS B 8 37.92 14.88 -33.66
CA HIS B 8 39.32 14.48 -33.79
C HIS B 8 39.38 13.15 -34.54
N LYS B 9 39.89 13.19 -35.77
CA LYS B 9 40.04 11.99 -36.58
C LYS B 9 41.35 11.29 -36.14
N PHE B 10 42.30 12.07 -35.59
N PHE B 10 42.30 12.07 -35.59
CA PHE B 10 43.62 11.61 -35.16
CA PHE B 10 43.61 11.58 -35.17
C PHE B 10 44.04 12.20 -33.83
C PHE B 10 44.08 12.19 -33.86
N MET B 11 44.62 11.35 -32.96
CA MET B 11 45.13 11.73 -31.65
C MET B 11 46.42 11.03 -31.43
N SER B 12 47.40 11.77 -30.95
CA SER B 12 48.73 11.28 -30.67
C SER B 12 48.97 11.38 -29.18
N THR B 13 49.40 10.28 -28.56
CA THR B 13 49.62 10.20 -27.12
C THR B 13 50.85 9.38 -26.78
N SER B 14 51.31 9.49 -25.52
CA SER B 14 52.42 8.68 -25.04
C SER B 14 51.83 7.71 -24.05
N VAL B 15 52.51 6.58 -23.80
CA VAL B 15 52.13 5.57 -22.81
C VAL B 15 52.10 6.25 -21.41
N GLY B 16 51.10 5.92 -20.59
CA GLY B 16 50.93 6.49 -19.27
C GLY B 16 50.07 7.74 -19.23
N ASP B 17 49.87 8.40 -20.38
CA ASP B 17 49.06 9.60 -20.47
C ASP B 17 47.55 9.30 -20.42
N ARG B 18 46.77 10.34 -20.15
CA ARG B 18 45.32 10.36 -20.11
C ARG B 18 44.84 10.74 -21.51
N VAL B 19 43.90 9.96 -22.05
CA VAL B 19 43.34 10.21 -23.36
C VAL B 19 41.84 10.38 -23.26
N SER B 20 41.33 11.43 -23.88
CA SER B 20 39.92 11.71 -23.89
C SER B 20 39.45 11.97 -25.30
N ILE B 21 38.43 11.21 -25.74
CA ILE B 21 37.86 11.28 -27.09
C ILE B 21 36.43 11.75 -26.95
N THR B 22 36.07 12.81 -27.70
N THR B 22 36.07 12.81 -27.70
CA THR B 22 34.74 13.40 -27.69
CA THR B 22 34.74 13.39 -27.68
C THR B 22 33.85 12.93 -28.84
C THR B 22 33.85 12.90 -28.83
N CYS B 23 32.54 12.87 -28.58
CA CYS B 23 31.54 12.46 -29.53
C CYS B 23 30.33 13.34 -29.30
N LYS B 24 29.80 13.92 -30.37
CA LYS B 24 28.64 14.82 -30.31
C LYS B 24 27.47 14.26 -31.10
N ALA B 25 26.30 14.16 -30.47
CA ALA B 25 25.10 13.73 -31.17
C ALA B 25 24.36 14.97 -31.68
N SER B 26 23.77 14.89 -32.87
CA SER B 26 23.01 15.99 -33.50
C SER B 26 21.63 16.23 -32.83
N GLN B 27 21.23 15.32 -31.93
CA GLN B 27 19.97 15.37 -31.18
C GLN B 27 20.25 14.76 -29.80
N ASP B 28 19.36 15.02 -28.85
CA ASP B 28 19.44 14.46 -27.52
C ASP B 28 19.28 12.92 -27.64
N VAL B 29 20.25 12.16 -27.12
CA VAL B 29 20.18 10.69 -27.18
C VAL B 29 20.21 10.11 -25.76
N SER B 30 19.84 10.94 -24.75
CA SER B 30 19.91 10.54 -23.33
C SER B 30 21.34 9.95 -23.01
N THR B 31 21.41 8.73 -22.49
CA THR B 31 22.71 8.12 -22.18
C THR B 31 22.95 6.95 -23.17
N ALA B 32 22.24 6.92 -24.30
CA ALA B 32 22.31 5.78 -25.22
C ALA B 32 23.44 5.82 -26.23
N VAL B 33 24.68 5.76 -25.71
CA VAL B 33 25.90 5.80 -26.54
C VAL B 33 26.82 4.64 -26.18
N ALA B 34 27.40 4.00 -27.21
CA ALA B 34 28.36 2.93 -27.05
C ALA B 34 29.68 3.36 -27.64
N TRP B 35 30.76 2.79 -27.14
CA TRP B 35 32.11 3.03 -27.63
C TRP B 35 32.73 1.69 -28.00
N TYR B 36 33.36 1.65 -29.17
CA TYR B 36 34.03 0.46 -29.69
C TYR B 36 35.49 0.77 -29.94
N GLN B 37 36.31 -0.27 -29.91
CA GLN B 37 37.74 -0.21 -30.19
C GLN B 37 38.01 -1.14 -31.37
N GLN B 38 38.65 -0.58 -32.42
CA GLN B 38 39.03 -1.39 -33.59
C GLN B 38 40.55 -1.36 -33.81
N LYS B 39 41.18 -2.52 -33.64
CA LYS B 39 42.64 -2.66 -33.88
C LYS B 39 42.85 -3.11 -35.33
N PRO B 40 44.03 -2.82 -35.95
CA PRO B 40 44.23 -3.20 -37.36
C PRO B 40 44.04 -4.70 -37.61
N GLY B 41 43.32 -4.99 -38.70
CA GLY B 41 43.01 -6.34 -39.18
C GLY B 41 42.01 -7.10 -38.36
N GLN B 42 41.34 -6.42 -37.39
CA GLN B 42 40.34 -7.04 -36.50
C GLN B 42 39.01 -6.33 -36.60
N SER B 43 37.95 -6.99 -36.13
CA SER B 43 36.65 -6.34 -36.12
C SER B 43 36.56 -5.46 -34.85
N PRO B 44 35.66 -4.45 -34.82
CA PRO B 44 35.51 -3.64 -33.59
C PRO B 44 35.07 -4.48 -32.39
N LYS B 45 35.51 -4.10 -31.19
CA LYS B 45 35.14 -4.75 -29.94
C LYS B 45 34.39 -3.74 -29.06
N LEU B 46 33.33 -4.18 -28.41
CA LEU B 46 32.56 -3.30 -27.54
C LEU B 46 33.31 -2.98 -26.21
N LEU B 47 33.41 -1.69 -25.87
CA LEU B 47 34.02 -1.27 -24.62
C LEU B 47 32.97 -0.79 -23.62
N LEU B 48 32.10 0.13 -24.06
CA LEU B 48 31.09 0.75 -23.19
C LEU B 48 29.75 0.82 -23.86
N TYR B 49 28.69 0.84 -23.08
CA TYR B 49 27.33 1.00 -23.63
C TYR B 49 26.57 1.86 -22.64
N SER B 50 25.42 2.45 -23.08
CA SER B 50 24.63 3.32 -22.19
C SER B 50 25.56 4.37 -21.55
N ALA B 51 26.49 4.91 -22.39
CA ALA B 51 27.49 5.96 -22.08
C ALA B 51 28.60 5.61 -21.10
N SER B 52 28.29 4.94 -19.97
CA SER B 52 29.28 4.69 -18.90
C SER B 52 29.44 3.24 -18.45
N TYR B 53 28.65 2.31 -19.00
CA TYR B 53 28.70 0.92 -18.54
C TYR B 53 29.75 0.12 -19.28
N ARG B 54 30.72 -0.42 -18.54
CA ARG B 54 31.78 -1.23 -19.16
C ARG B 54 31.22 -2.56 -19.57
N TYR B 55 31.56 -3.03 -20.78
CA TYR B 55 31.13 -4.35 -21.20
C TYR B 55 31.98 -5.36 -20.42
N THR B 56 31.47 -6.59 -20.26
CA THR B 56 32.16 -7.66 -19.51
C THR B 56 33.59 -7.86 -19.98
N GLY B 57 34.54 -7.80 -19.05
CA GLY B 57 35.96 -8.01 -19.30
C GLY B 57 36.78 -6.81 -19.76
N VAL B 58 36.15 -5.64 -19.91
CA VAL B 58 36.82 -4.42 -20.34
C VAL B 58 37.65 -3.83 -19.16
N PRO B 59 38.95 -3.50 -19.39
CA PRO B 59 39.80 -2.97 -18.29
C PRO B 59 39.28 -1.68 -17.66
N ASP B 60 39.59 -1.49 -16.37
CA ASP B 60 39.20 -0.35 -15.54
C ASP B 60 39.64 1.00 -16.10
N ARG B 61 40.75 1.02 -16.87
CA ARG B 61 41.28 2.26 -17.46
C ARG B 61 40.34 2.90 -18.47
N PHE B 62 39.35 2.14 -19.00
CA PHE B 62 38.37 2.67 -19.95
C PHE B 62 37.10 3.11 -19.22
N THR B 63 36.71 4.38 -19.41
CA THR B 63 35.50 4.93 -18.84
C THR B 63 34.79 5.76 -19.88
N GLY B 64 33.52 6.02 -19.64
CA GLY B 64 32.72 6.85 -20.52
C GLY B 64 31.80 7.72 -19.69
N SER B 65 31.46 8.90 -20.22
CA SER B 65 30.56 9.84 -19.55
C SER B 65 29.77 10.65 -20.57
N GLY B 66 28.76 11.34 -20.08
CA GLY B 66 27.91 12.17 -20.91
C GLY B 66 26.46 11.76 -20.86
N SER B 67 25.62 12.72 -21.21
CA SER B 67 24.17 12.58 -21.24
C SER B 67 23.63 13.69 -22.15
N GLY B 68 22.73 13.33 -23.05
CA GLY B 68 22.13 14.28 -23.98
C GLY B 68 22.84 14.32 -25.32
N THR B 69 23.76 15.29 -25.54
CA THR B 69 24.44 15.39 -26.83
C THR B 69 25.96 15.22 -26.78
N ASP B 70 26.60 15.54 -25.65
CA ASP B 70 28.06 15.50 -25.51
C ASP B 70 28.56 14.30 -24.74
N PHE B 71 29.43 13.50 -25.37
CA PHE B 71 29.92 12.26 -24.77
C PHE B 71 31.42 12.21 -24.77
N THR B 72 32.00 11.58 -23.77
CA THR B 72 33.45 11.50 -23.67
C THR B 72 33.87 10.08 -23.32
N PHE B 73 34.86 9.58 -24.04
CA PHE B 73 35.46 8.27 -23.76
C PHE B 73 36.85 8.57 -23.20
N THR B 74 37.21 7.96 -22.07
CA THR B 74 38.51 8.20 -21.45
C THR B 74 39.35 6.95 -21.20
N ILE B 75 40.65 7.04 -21.53
CA ILE B 75 41.62 6.03 -21.19
C ILE B 75 42.44 6.76 -20.10
N SER B 76 42.35 6.30 -18.85
CA SER B 76 43.01 6.95 -17.71
C SER B 76 44.53 6.98 -17.84
N SER B 77 45.15 5.84 -18.22
CA SER B 77 46.58 5.71 -18.42
C SER B 77 46.83 4.77 -19.63
N VAL B 78 47.14 5.36 -20.80
CA VAL B 78 47.34 4.68 -22.09
C VAL B 78 48.39 3.58 -22.04
N ASN B 79 47.99 2.38 -22.48
CA ASN B 79 48.89 1.22 -22.59
C ASN B 79 49.19 1.06 -24.09
N ALA B 80 50.38 0.52 -24.46
CA ALA B 80 50.79 0.37 -25.88
C ALA B 80 49.71 -0.36 -26.73
N GLU B 81 49.06 -1.37 -26.14
CA GLU B 81 48.00 -2.15 -26.80
C GLU B 81 46.72 -1.34 -27.16
N ASP B 82 46.60 -0.08 -26.65
CA ASP B 82 45.45 0.81 -26.90
C ASP B 82 45.47 1.53 -28.25
N LEU B 83 46.53 1.28 -29.05
CA LEU B 83 46.69 1.78 -30.41
C LEU B 83 45.54 1.15 -31.17
N ALA B 84 44.57 1.98 -31.57
CA ALA B 84 43.34 1.53 -32.23
C ALA B 84 42.55 2.73 -32.73
N VAL B 85 41.46 2.44 -33.49
CA VAL B 85 40.49 3.44 -33.91
C VAL B 85 39.30 3.25 -32.91
N TYR B 86 38.86 4.34 -32.29
CA TYR B 86 37.73 4.34 -31.36
C TYR B 86 36.52 4.94 -32.01
N TYR B 87 35.39 4.23 -31.94
CA TYR B 87 34.16 4.74 -32.55
C TYR B 87 33.07 4.88 -31.50
N CYS B 88 32.26 5.94 -31.60
CA CYS B 88 31.06 6.05 -30.77
C CYS B 88 29.86 5.62 -31.66
N GLN B 89 28.73 5.32 -31.03
CA GLN B 89 27.51 4.93 -31.72
C GLN B 89 26.34 5.29 -30.84
N GLN B 90 25.27 5.78 -31.43
CA GLN B 90 24.07 5.99 -30.63
C GLN B 90 23.20 4.75 -30.77
N HIS B 91 22.66 4.28 -29.65
CA HIS B 91 21.70 3.18 -29.60
C HIS B 91 20.40 3.70 -28.96
N TYR B 92 20.04 4.95 -29.33
CA TYR B 92 18.87 5.66 -28.82
C TYR B 92 17.61 5.39 -29.64
N SER B 93 17.72 5.55 -30.97
N SER B 93 17.70 5.54 -30.97
CA SER B 93 16.63 5.36 -31.90
CA SER B 93 16.60 5.27 -31.88
C SER B 93 17.19 4.88 -33.25
C SER B 93 17.16 4.88 -33.24
N THR B 94 16.54 3.89 -33.86
CA THR B 94 16.92 3.39 -35.17
C THR B 94 16.57 4.46 -36.25
N PRO B 95 17.43 4.64 -37.28
CA PRO B 95 18.63 3.83 -37.57
C PRO B 95 19.82 4.17 -36.68
N TRP B 96 20.42 3.13 -36.09
CA TRP B 96 21.61 3.31 -35.30
C TRP B 96 22.73 3.83 -36.20
N THR B 97 23.48 4.81 -35.69
CA THR B 97 24.53 5.48 -36.46
C THR B 97 25.80 5.58 -35.65
N PHE B 98 26.93 5.54 -36.34
CA PHE B 98 28.25 5.56 -35.74
C PHE B 98 28.97 6.88 -36.00
N GLY B 99 29.90 7.21 -35.10
CA GLY B 99 30.82 8.31 -35.30
C GLY B 99 31.83 7.91 -36.36
N GLY B 100 32.59 8.87 -36.89
CA GLY B 100 33.58 8.58 -37.93
C GLY B 100 34.87 7.92 -37.46
N GLY B 101 35.03 7.77 -36.15
CA GLY B 101 36.23 7.16 -35.58
C GLY B 101 37.35 8.13 -35.26
N THR B 102 38.14 7.79 -34.25
CA THR B 102 39.31 8.56 -33.81
C THR B 102 40.43 7.57 -33.70
N LYS B 103 41.47 7.81 -34.48
CA LYS B 103 42.64 6.94 -34.44
C LYS B 103 43.59 7.48 -33.38
N VAL B 104 43.99 6.61 -32.47
CA VAL B 104 44.94 6.91 -31.42
C VAL B 104 46.31 6.27 -31.75
N GLU B 105 47.36 7.10 -31.91
CA GLU B 105 48.71 6.59 -32.17
C GLU B 105 49.60 6.82 -30.94
N ILE B 106 50.67 6.04 -30.87
CA ILE B 106 51.66 6.10 -29.81
C ILE B 106 52.84 6.95 -30.29
N LYS B 107 53.20 7.95 -29.50
CA LYS B 107 54.32 8.85 -29.75
C LYS B 107 55.64 8.10 -29.49
N ARG B 108 56.69 8.48 -30.22
CA ARG B 108 58.04 7.91 -30.04
C ARG B 108 59.05 8.92 -30.59
N THR B 109 60.37 8.65 -30.44
CA THR B 109 61.41 9.56 -30.95
C THR B 109 61.34 9.65 -32.49
N VAL B 110 61.78 10.77 -33.06
CA VAL B 110 61.81 10.96 -34.52
C VAL B 110 62.76 9.90 -35.11
N ALA B 111 62.33 9.26 -36.22
CA ALA B 111 63.10 8.28 -36.95
C ALA B 111 62.97 8.63 -38.41
N ALA B 112 64.10 8.98 -39.05
CA ALA B 112 64.09 9.33 -40.47
C ALA B 112 63.83 8.07 -41.28
N PRO B 113 63.14 8.13 -42.43
CA PRO B 113 62.95 6.90 -43.18
C PRO B 113 64.18 6.45 -43.93
N SER B 114 64.31 5.14 -44.18
N SER B 114 64.30 5.13 -44.19
CA SER B 114 65.35 4.63 -45.07
CA SER B 114 65.34 4.62 -45.07
C SER B 114 64.64 4.58 -46.43
C SER B 114 64.62 4.60 -46.43
N VAL B 115 65.23 5.21 -47.45
CA VAL B 115 64.59 5.35 -48.78
C VAL B 115 65.18 4.44 -49.84
N PHE B 116 64.30 3.83 -50.67
CA PHE B 116 64.72 2.94 -51.75
C PHE B 116 63.87 3.21 -52.99
N ILE B 117 64.51 3.19 -54.16
CA ILE B 117 63.81 3.36 -55.44
C ILE B 117 63.91 2.07 -56.24
N PHE B 118 62.82 1.68 -56.88
CA PHE B 118 62.80 0.47 -57.70
C PHE B 118 62.37 0.78 -59.14
N PRO B 119 63.23 0.49 -60.13
CA PRO B 119 62.81 0.68 -61.54
C PRO B 119 61.73 -0.32 -61.93
N PRO B 120 60.97 -0.09 -63.03
CA PRO B 120 60.03 -1.12 -63.50
C PRO B 120 60.81 -2.34 -63.98
N SER B 121 60.22 -3.54 -63.84
CA SER B 121 60.87 -4.75 -64.29
C SER B 121 60.77 -4.85 -65.80
N ASP B 122 61.70 -5.59 -66.43
CA ASP B 122 61.70 -5.83 -67.88
C ASP B 122 60.44 -6.59 -68.25
N GLU B 123 59.97 -7.49 -67.37
CA GLU B 123 58.75 -8.25 -67.61
C GLU B 123 57.56 -7.34 -67.79
N GLN B 124 57.37 -6.36 -66.88
CA GLN B 124 56.25 -5.43 -66.98
C GLN B 124 56.35 -4.56 -68.24
N LEU B 125 57.57 -4.05 -68.53
CA LEU B 125 57.79 -3.21 -69.70
C LEU B 125 57.30 -3.86 -71.02
N LYS B 126 57.47 -5.20 -71.18
CA LYS B 126 57.00 -5.99 -72.36
C LYS B 126 55.49 -5.81 -72.69
N SER B 127 54.66 -5.44 -71.69
N SER B 127 54.68 -5.43 -71.67
CA SER B 127 53.22 -5.26 -71.82
CA SER B 127 53.22 -5.25 -71.72
C SER B 127 52.76 -3.82 -72.02
C SER B 127 52.76 -3.81 -71.99
N GLY B 128 53.71 -2.88 -72.05
CA GLY B 128 53.39 -1.47 -72.30
C GLY B 128 53.21 -0.52 -71.13
N THR B 129 53.53 -0.96 -69.89
CA THR B 129 53.41 -0.12 -68.70
C THR B 129 54.71 -0.13 -67.87
N ALA B 130 54.98 1.00 -67.19
CA ALA B 130 56.12 1.15 -66.28
C ALA B 130 55.65 1.62 -64.90
N SER B 131 55.81 0.77 -63.88
CA SER B 131 55.51 1.16 -62.49
C SER B 131 56.85 1.43 -61.79
N VAL B 132 57.05 2.66 -61.29
CA VAL B 132 58.31 2.98 -60.58
C VAL B 132 57.90 3.10 -59.11
N VAL B 133 58.62 2.42 -58.21
CA VAL B 133 58.24 2.36 -56.79
C VAL B 133 59.29 2.98 -55.89
N CYS B 134 58.84 3.78 -54.92
CA CYS B 134 59.68 4.42 -53.91
C CYS B 134 59.18 3.94 -52.55
N LEU B 135 60.08 3.37 -51.74
CA LEU B 135 59.75 2.88 -50.41
C LEU B 135 60.41 3.77 -49.36
N LEU B 136 59.66 4.20 -48.34
CA LEU B 136 60.10 4.98 -47.17
C LEU B 136 59.90 4.00 -46.02
N ASN B 137 60.99 3.49 -45.49
CA ASN B 137 60.87 2.46 -44.48
C ASN B 137 61.12 2.91 -43.07
N ASN B 138 60.23 2.48 -42.15
CA ASN B 138 60.36 2.65 -40.70
C ASN B 138 60.64 4.07 -40.21
N PHE B 139 59.69 4.97 -40.41
CA PHE B 139 59.83 6.37 -40.00
C PHE B 139 58.78 6.79 -38.99
N TYR B 140 59.08 7.87 -38.27
CA TYR B 140 58.21 8.52 -37.31
C TYR B 140 58.61 10.03 -37.23
N PRO B 141 57.66 11.00 -37.29
CA PRO B 141 56.20 10.87 -37.37
C PRO B 141 55.67 10.49 -38.75
N ARG B 142 54.36 10.29 -38.85
CA ARG B 142 53.66 9.86 -40.07
C ARG B 142 53.81 10.82 -41.26
N GLU B 143 53.87 12.12 -40.98
CA GLU B 143 53.97 13.12 -42.04
C GLU B 143 55.25 13.00 -42.81
N ALA B 144 55.11 12.73 -44.10
CA ALA B 144 56.23 12.57 -45.02
C ALA B 144 55.73 12.97 -46.38
N LYS B 145 56.61 13.55 -47.18
CA LYS B 145 56.23 13.98 -48.52
C LYS B 145 57.17 13.32 -49.52
N VAL B 146 56.60 12.68 -50.53
CA VAL B 146 57.37 12.13 -51.63
C VAL B 146 57.07 12.86 -52.91
N GLN B 147 58.12 13.38 -53.55
CA GLN B 147 57.99 14.07 -54.84
C GLN B 147 58.69 13.27 -55.92
N TRP B 148 57.96 12.89 -56.96
CA TRP B 148 58.55 12.18 -58.08
C TRP B 148 59.08 13.20 -59.09
N LYS B 149 60.28 12.95 -59.61
CA LYS B 149 60.91 13.81 -60.64
C LYS B 149 61.42 12.92 -61.74
N VAL B 150 61.13 13.31 -63.00
CA VAL B 150 61.53 12.57 -64.19
C VAL B 150 62.34 13.57 -65.04
N ASP B 151 63.67 13.32 -65.17
CA ASP B 151 64.63 14.23 -65.82
C ASP B 151 64.48 15.62 -65.17
N ASN B 152 64.41 15.62 -63.83
CA ASN B 152 64.23 16.81 -62.99
C ASN B 152 62.88 17.56 -63.14
N ALA B 153 61.91 16.97 -63.86
CA ALA B 153 60.58 17.58 -64.00
C ALA B 153 59.64 16.96 -62.97
N LEU B 154 59.02 17.81 -62.13
CA LEU B 154 58.09 17.39 -61.10
C LEU B 154 56.88 16.68 -61.72
N GLN B 155 56.54 15.52 -61.16
CA GLN B 155 55.39 14.73 -61.58
C GLN B 155 54.21 15.09 -60.69
N SER B 156 53.02 15.20 -61.29
CA SER B 156 51.79 15.52 -60.58
C SER B 156 50.65 14.68 -61.08
N GLY B 157 49.94 14.05 -60.15
CA GLY B 157 48.73 13.27 -60.42
C GLY B 157 48.88 11.92 -61.06
N ASN B 158 50.12 11.43 -61.24
CA ASN B 158 50.33 10.12 -61.88
C ASN B 158 50.97 9.12 -60.89
N SER B 159 50.84 9.40 -59.59
N SER B 159 50.78 9.37 -59.61
CA SER B 159 51.34 8.55 -58.51
CA SER B 159 51.29 8.52 -58.54
C SER B 159 50.27 8.29 -57.46
C SER B 159 50.23 8.26 -57.49
N GLN B 160 50.40 7.16 -56.73
CA GLN B 160 49.50 6.80 -55.61
C GLN B 160 50.38 6.25 -54.50
N GLU B 161 49.98 6.49 -53.28
CA GLU B 161 50.73 6.00 -52.13
C GLU B 161 49.87 5.25 -51.15
N SER B 162 50.51 4.45 -50.30
CA SER B 162 49.86 3.62 -49.31
C SER B 162 50.76 3.62 -48.09
N VAL B 163 50.20 3.61 -46.87
CA VAL B 163 50.99 3.68 -45.62
C VAL B 163 50.55 2.53 -44.74
N THR B 164 51.50 1.88 -44.09
CA THR B 164 51.18 0.80 -43.15
C THR B 164 50.66 1.39 -41.83
N GLU B 165 50.05 0.51 -41.02
CA GLU B 165 49.62 0.89 -39.67
C GLU B 165 50.88 0.96 -38.82
N GLN B 166 50.87 1.82 -37.80
CA GLN B 166 51.98 1.98 -36.87
C GLN B 166 52.39 0.62 -36.33
N ASP B 167 53.70 0.31 -36.40
CA ASP B 167 54.23 -0.99 -35.99
C ASP B 167 54.03 -1.23 -34.49
N SER B 168 53.58 -2.43 -34.12
CA SER B 168 53.32 -2.77 -32.70
C SER B 168 54.58 -2.80 -31.83
N LYS B 169 55.74 -3.09 -32.44
CA LYS B 169 57.03 -3.19 -31.75
C LYS B 169 57.79 -1.86 -31.74
N ASP B 170 58.12 -1.29 -32.93
CA ASP B 170 58.91 -0.07 -33.01
C ASP B 170 58.13 1.25 -33.18
N SER B 171 56.77 1.20 -33.31
CA SER B 171 55.93 2.41 -33.44
C SER B 171 56.22 3.28 -34.66
N THR B 172 56.79 2.69 -35.73
CA THR B 172 57.08 3.43 -36.94
C THR B 172 56.02 3.13 -38.02
N TYR B 173 56.08 3.91 -39.10
CA TYR B 173 55.26 3.76 -40.29
C TYR B 173 56.16 3.44 -41.48
N SER B 174 55.60 2.81 -42.51
CA SER B 174 56.30 2.64 -43.78
C SER B 174 55.36 3.12 -44.87
N LEU B 175 55.94 3.58 -45.99
CA LEU B 175 55.15 4.16 -47.08
C LEU B 175 55.68 3.72 -48.41
N SER B 176 54.78 3.38 -49.34
N SER B 176 54.78 3.42 -49.34
CA SER B 176 55.14 2.96 -50.70
CA SER B 176 55.17 3.10 -50.68
C SER B 176 54.42 3.88 -51.68
C SER B 176 54.48 4.12 -51.56
N SER B 177 55.16 4.55 -52.61
CA SER B 177 54.58 5.44 -53.63
C SER B 177 54.88 4.80 -54.96
N THR B 178 53.85 4.68 -55.84
CA THR B 178 54.06 4.12 -57.17
C THR B 178 53.75 5.17 -58.23
N LEU B 179 54.71 5.44 -59.10
CA LEU B 179 54.59 6.32 -60.24
C LEU B 179 54.24 5.41 -61.43
N THR B 180 53.12 5.70 -62.13
CA THR B 180 52.72 4.84 -63.25
C THR B 180 52.79 5.63 -64.57
N LEU B 181 53.56 5.10 -65.51
CA LEU B 181 53.76 5.71 -66.83
C LEU B 181 53.52 4.70 -67.91
N SER B 182 53.18 5.19 -69.12
CA SER B 182 53.12 4.25 -70.24
C SER B 182 54.60 3.96 -70.58
N LYS B 183 54.86 2.85 -71.23
N LYS B 183 54.86 2.84 -71.24
CA LYS B 183 56.20 2.46 -71.66
CA LYS B 183 56.19 2.45 -71.67
C LYS B 183 56.79 3.57 -72.58
C LYS B 183 56.79 3.54 -72.59
N ALA B 184 55.95 4.13 -73.48
CA ALA B 184 56.37 5.20 -74.41
C ALA B 184 56.88 6.42 -73.65
N ASP B 185 56.15 6.84 -72.59
CA ASP B 185 56.56 7.98 -71.76
C ASP B 185 57.82 7.64 -70.98
N TYR B 186 57.90 6.41 -70.45
CA TYR B 186 59.03 5.94 -69.66
C TYR B 186 60.35 5.97 -70.45
N GLU B 187 60.31 5.51 -71.71
CA GLU B 187 61.46 5.44 -72.60
C GLU B 187 61.94 6.78 -73.15
N LYS B 188 61.13 7.82 -73.00
CA LYS B 188 61.45 9.18 -73.44
C LYS B 188 62.39 9.88 -72.45
N HIS B 189 62.52 9.34 -71.21
CA HIS B 189 63.33 10.01 -70.19
C HIS B 189 64.42 9.15 -69.59
N LYS B 190 65.39 9.81 -68.95
CA LYS B 190 66.55 9.15 -68.38
C LYS B 190 66.55 8.96 -66.86
N VAL B 191 66.52 10.07 -66.12
CA VAL B 191 66.66 10.10 -64.66
C VAL B 191 65.31 10.00 -63.97
N TYR B 192 65.15 8.96 -63.15
CA TYR B 192 63.93 8.74 -62.36
C TYR B 192 64.29 8.87 -60.92
N ALA B 193 63.64 9.80 -60.22
CA ALA B 193 63.98 10.12 -58.85
C ALA B 193 62.80 10.30 -57.95
N CYS B 194 63.02 9.93 -56.69
N CYS B 194 62.95 9.87 -56.68
CA CYS B 194 62.08 10.06 -55.61
CA CYS B 194 61.94 10.13 -55.65
C CYS B 194 62.77 10.95 -54.59
C CYS B 194 62.62 10.87 -54.51
N GLU B 195 62.14 12.08 -54.24
CA GLU B 195 62.66 13.02 -53.26
C GLU B 195 61.77 12.98 -52.05
N VAL B 196 62.36 12.71 -50.90
CA VAL B 196 61.64 12.54 -49.65
C VAL B 196 61.92 13.65 -48.66
N THR B 197 60.86 14.27 -48.16
CA THR B 197 60.91 15.31 -47.12
C THR B 197 60.32 14.67 -45.85
N HIS B 198 61.01 14.83 -44.72
CA HIS B 198 60.60 14.28 -43.43
C HIS B 198 61.31 15.01 -42.29
N GLN B 199 60.62 15.16 -41.15
CA GLN B 199 61.14 15.82 -39.94
C GLN B 199 62.53 15.34 -39.50
N GLY B 200 62.80 14.05 -39.68
CA GLY B 200 64.07 13.41 -39.31
C GLY B 200 65.20 13.60 -40.30
N LEU B 201 64.93 14.28 -41.41
CA LEU B 201 65.92 14.56 -42.46
C LEU B 201 66.19 16.06 -42.48
N SER B 202 67.43 16.46 -42.14
CA SER B 202 67.82 17.89 -42.11
C SER B 202 67.65 18.54 -43.49
N SER B 203 67.87 17.73 -44.56
CA SER B 203 67.75 18.11 -45.96
C SER B 203 67.00 16.99 -46.73
N PRO B 204 66.15 17.28 -47.74
CA PRO B 204 65.45 16.19 -48.46
C PRO B 204 66.39 15.16 -49.07
N VAL B 205 66.03 13.88 -48.98
CA VAL B 205 66.83 12.77 -49.50
C VAL B 205 66.28 12.36 -50.86
N THR B 206 67.16 12.29 -51.88
CA THR B 206 66.75 11.88 -53.22
C THR B 206 67.40 10.52 -53.54
N LYS B 207 66.58 9.58 -54.03
CA LYS B 207 67.05 8.29 -54.50
C LYS B 207 66.68 8.26 -55.95
N SER B 208 67.61 7.86 -56.80
CA SER B 208 67.40 7.86 -58.25
C SER B 208 68.15 6.76 -58.97
N PHE B 209 67.74 6.52 -60.24
CA PHE B 209 68.34 5.59 -61.18
C PHE B 209 68.27 6.18 -62.61
N ASN B 210 69.18 5.75 -63.47
CA ASN B 210 69.18 6.15 -64.87
C ASN B 210 68.64 4.99 -65.64
N ARG B 211 67.57 5.23 -66.42
CA ARG B 211 66.95 4.17 -67.21
C ARG B 211 67.99 3.50 -68.14
N GLY B 212 67.99 2.17 -68.13
CA GLY B 212 68.90 1.37 -68.96
C GLY B 212 70.16 0.88 -68.24
N GLU B 213 70.72 1.71 -67.34
CA GLU B 213 71.94 1.43 -66.57
C GLU B 213 71.66 0.51 -65.38
N GLU C 1 -44.07 -5.94 19.16
CA GLU C 1 -43.58 -5.10 20.24
C GLU C 1 -42.53 -5.89 21.05
N VAL C 2 -41.38 -5.26 21.36
CA VAL C 2 -40.36 -5.93 22.20
C VAL C 2 -40.96 -6.01 23.62
N GLN C 3 -40.95 -7.20 24.23
CA GLN C 3 -41.45 -7.40 25.58
C GLN C 3 -40.61 -8.42 26.36
N LEU C 4 -40.33 -8.08 27.63
CA LEU C 4 -39.62 -8.91 28.60
C LEU C 4 -40.54 -9.06 29.80
N VAL C 5 -40.76 -10.30 30.24
CA VAL C 5 -41.67 -10.56 31.37
C VAL C 5 -40.96 -11.40 32.41
N GLU C 6 -40.68 -10.79 33.57
CA GLU C 6 -40.02 -11.50 34.67
C GLU C 6 -41.06 -12.24 35.53
N SER C 7 -40.64 -13.33 36.17
CA SER C 7 -41.46 -14.13 37.08
C SER C 7 -40.56 -14.91 38.02
N GLY C 8 -41.16 -15.53 39.03
CA GLY C 8 -40.44 -16.36 39.97
C GLY C 8 -40.07 -15.69 41.28
N GLY C 9 -40.33 -14.38 41.39
CA GLY C 9 -40.04 -13.66 42.62
C GLY C 9 -40.97 -14.07 43.74
N GLY C 10 -40.59 -13.78 44.96
CA GLY C 10 -41.40 -14.15 46.11
C GLY C 10 -40.62 -13.98 47.39
N LEU C 11 -41.19 -14.49 48.47
CA LEU C 11 -40.58 -14.44 49.79
C LEU C 11 -39.70 -15.69 49.97
N VAL C 12 -38.45 -15.47 50.39
N VAL C 12 -38.46 -15.46 50.43
CA VAL C 12 -37.47 -16.54 50.65
CA VAL C 12 -37.45 -16.48 50.64
C VAL C 12 -36.73 -16.19 51.94
C VAL C 12 -36.68 -16.18 51.94
N LYS C 13 -36.38 -17.20 52.74
CA LYS C 13 -35.63 -17.00 53.98
C LYS C 13 -34.17 -16.72 53.68
N PRO C 14 -33.44 -15.95 54.54
CA PRO C 14 -32.00 -15.77 54.33
C PRO C 14 -31.29 -17.12 54.29
N GLY C 15 -30.34 -17.26 53.36
CA GLY C 15 -29.62 -18.51 53.13
C GLY C 15 -30.31 -19.38 52.09
N GLY C 16 -31.53 -18.97 51.71
CA GLY C 16 -32.33 -19.70 50.75
C GLY C 16 -31.96 -19.44 49.30
N SER C 17 -32.66 -20.12 48.38
N SER C 17 -32.68 -20.08 48.39
CA SER C 17 -32.45 -20.03 46.93
CA SER C 17 -32.45 -19.96 46.95
C SER C 17 -33.77 -19.74 46.21
C SER C 17 -33.76 -19.71 46.23
N LEU C 18 -33.68 -19.13 45.02
CA LEU C 18 -34.84 -18.80 44.20
C LEU C 18 -34.36 -18.66 42.79
N LYS C 19 -35.15 -19.11 41.85
CA LYS C 19 -34.79 -18.96 40.45
C LYS C 19 -35.79 -18.08 39.75
N LEU C 20 -35.29 -17.01 39.14
CA LEU C 20 -36.12 -16.05 38.39
C LEU C 20 -36.05 -16.38 36.93
N SER C 21 -37.14 -16.11 36.21
CA SER C 21 -37.22 -16.32 34.77
C SER C 21 -37.62 -15.01 34.11
N CYS C 22 -37.25 -14.87 32.86
CA CYS C 22 -37.59 -13.71 32.06
C CYS C 22 -37.94 -14.20 30.64
N ALA C 23 -39.22 -14.07 30.27
CA ALA C 23 -39.74 -14.50 28.98
C ALA C 23 -39.61 -13.35 27.97
N ALA C 24 -38.88 -13.59 26.91
CA ALA C 24 -38.61 -12.61 25.86
C ALA C 24 -39.50 -12.85 24.63
N SER C 25 -40.09 -11.77 24.09
CA SER C 25 -40.90 -11.83 22.87
C SER C 25 -40.75 -10.57 21.99
N GLY C 26 -41.06 -10.71 20.70
CA GLY C 26 -41.01 -9.59 19.76
C GLY C 26 -39.66 -9.12 19.24
N PHE C 27 -38.64 -9.95 19.40
CA PHE C 27 -37.30 -9.69 18.87
C PHE C 27 -36.54 -11.00 18.80
N THR C 28 -35.37 -10.99 18.14
CA THR C 28 -34.52 -12.17 18.02
C THR C 28 -33.69 -12.26 19.30
N PHE C 29 -34.16 -13.07 20.22
CA PHE C 29 -33.56 -13.23 21.54
C PHE C 29 -32.10 -13.68 21.49
N SER C 30 -31.78 -14.64 20.60
CA SER C 30 -30.42 -15.18 20.44
C SER C 30 -29.36 -14.16 19.92
N SER C 31 -29.81 -13.01 19.44
N SER C 31 -29.80 -13.00 19.43
CA SER C 31 -28.93 -11.96 18.91
CA SER C 31 -28.89 -11.98 18.92
C SER C 31 -28.62 -10.87 19.96
C SER C 31 -28.57 -10.91 19.98
N TYR C 32 -29.17 -11.02 21.19
CA TYR C 32 -28.95 -10.05 22.26
C TYR C 32 -28.26 -10.56 23.47
N ALA C 33 -27.29 -9.77 23.94
CA ALA C 33 -26.72 -9.92 25.27
C ALA C 33 -27.89 -9.47 26.19
N MET C 34 -27.96 -10.01 27.42
CA MET C 34 -29.06 -9.69 28.35
C MET C 34 -28.52 -9.41 29.74
N SER C 35 -29.28 -8.66 30.57
CA SER C 35 -28.81 -8.34 31.90
C SER C 35 -29.91 -8.40 32.91
N TRP C 36 -29.52 -8.54 34.20
CA TRP C 36 -30.45 -8.41 35.31
C TRP C 36 -29.99 -7.16 36.04
N VAL C 37 -30.95 -6.34 36.49
N VAL C 37 -30.95 -6.39 36.55
CA VAL C 37 -30.70 -5.11 37.27
CA VAL C 37 -30.69 -5.15 37.28
C VAL C 37 -31.78 -5.13 38.34
C VAL C 37 -31.81 -5.05 38.33
N ARG C 38 -31.46 -4.66 39.55
CA ARG C 38 -32.44 -4.60 40.61
C ARG C 38 -32.62 -3.21 41.17
N GLN C 39 -33.80 -2.96 41.76
CA GLN C 39 -34.10 -1.69 42.40
C GLN C 39 -34.48 -2.00 43.85
N THR C 40 -33.65 -1.51 44.77
CA THR C 40 -33.78 -1.76 46.21
C THR C 40 -35.01 -1.00 46.78
N PRO C 41 -35.40 -1.30 48.06
CA PRO C 41 -36.53 -0.55 48.66
C PRO C 41 -36.26 0.96 48.76
N GLU C 42 -34.97 1.37 48.81
CA GLU C 42 -34.54 2.78 48.84
C GLU C 42 -34.57 3.40 47.42
N LYS C 43 -34.97 2.58 46.38
CA LYS C 43 -35.06 3.00 44.96
C LYS C 43 -33.69 3.10 44.30
N ARG C 44 -32.66 2.52 44.92
CA ARG C 44 -31.31 2.47 44.36
C ARG C 44 -31.25 1.39 43.25
N LEU C 45 -30.66 1.73 42.09
CA LEU C 45 -30.50 0.80 40.98
C LEU C 45 -29.15 0.10 41.09
N GLU C 46 -29.14 -1.22 40.96
CA GLU C 46 -27.91 -1.99 41.06
C GLU C 46 -27.85 -3.04 39.96
N TRP C 47 -26.75 -3.01 39.19
CA TRP C 47 -26.51 -4.00 38.14
C TRP C 47 -26.25 -5.35 38.85
N VAL C 48 -26.87 -6.41 38.35
CA VAL C 48 -26.79 -7.75 38.94
C VAL C 48 -25.96 -8.77 38.14
N ALA C 49 -26.14 -8.81 36.79
CA ALA C 49 -25.45 -9.79 35.97
C ALA C 49 -25.66 -9.47 34.53
N THR C 50 -24.73 -9.90 33.67
CA THR C 50 -24.84 -9.78 32.20
C THR C 50 -24.35 -11.06 31.58
N ILE C 51 -25.02 -11.51 30.49
CA ILE C 51 -24.69 -12.71 29.72
C ILE C 51 -24.60 -12.37 28.25
N SER C 52 -23.60 -12.95 27.55
CA SER C 52 -23.47 -12.71 26.11
C SER C 52 -24.68 -13.34 25.35
N SER C 53 -24.91 -12.91 24.11
CA SER C 53 -26.01 -13.41 23.25
C SER C 53 -26.02 -14.96 23.14
N GLY C 54 -24.84 -15.57 23.03
CA GLY C 54 -24.66 -17.02 22.91
C GLY C 54 -24.59 -17.78 24.22
N GLY C 55 -24.43 -17.06 25.32
CA GLY C 55 -24.38 -17.63 26.66
C GLY C 55 -23.01 -17.98 27.25
N SER C 56 -21.92 -17.92 26.45
CA SER C 56 -20.58 -18.31 26.94
C SER C 56 -19.97 -17.37 27.94
N TYR C 57 -20.24 -16.06 27.81
CA TYR C 57 -19.61 -15.05 28.67
C TYR C 57 -20.58 -14.45 29.65
N THR C 58 -20.14 -14.32 30.90
CA THR C 58 -20.96 -13.76 32.01
C THR C 58 -20.12 -12.82 32.84
N SER C 59 -20.76 -11.86 33.50
CA SER C 59 -20.07 -10.92 34.38
C SER C 59 -21.02 -10.58 35.52
N TYR C 60 -20.45 -10.39 36.72
CA TYR C 60 -21.23 -10.11 37.92
C TYR C 60 -20.51 -9.12 38.80
N PRO C 61 -21.26 -8.34 39.61
CA PRO C 61 -20.59 -7.51 40.64
C PRO C 61 -20.19 -8.48 41.78
N ASP C 62 -19.15 -8.11 42.56
CA ASP C 62 -18.69 -8.92 43.70
C ASP C 62 -19.77 -9.16 44.77
N SER C 63 -20.77 -8.27 44.86
CA SER C 63 -21.90 -8.40 45.80
C SER C 63 -22.66 -9.71 45.61
N VAL C 64 -22.75 -10.23 44.38
CA VAL C 64 -23.51 -11.45 44.09
C VAL C 64 -22.65 -12.57 43.52
N LYS C 65 -21.42 -12.24 43.09
CA LYS C 65 -20.56 -13.24 42.45
C LYS C 65 -20.38 -14.45 43.37
N GLY C 66 -20.53 -15.65 42.80
CA GLY C 66 -20.42 -16.89 43.56
C GLY C 66 -21.72 -17.34 44.20
N ARG C 67 -22.76 -16.48 44.20
CA ARG C 67 -24.07 -16.80 44.78
C ARG C 67 -25.13 -16.82 43.68
N PHE C 68 -25.01 -15.90 42.73
CA PHE C 68 -25.96 -15.79 41.63
C PHE C 68 -25.37 -16.31 40.35
N THR C 69 -26.21 -16.98 39.53
CA THR C 69 -25.79 -17.45 38.21
C THR C 69 -26.82 -16.99 37.18
N ILE C 70 -26.37 -16.26 36.16
CA ILE C 70 -27.21 -15.85 35.04
C ILE C 70 -27.02 -16.93 33.99
N SER C 71 -28.11 -17.32 33.31
CA SER C 71 -28.06 -18.33 32.23
C SER C 71 -29.20 -18.02 31.28
N ARG C 72 -29.24 -18.73 30.15
CA ARG C 72 -30.29 -18.49 29.17
C ARG C 72 -30.57 -19.78 28.39
N ASP C 73 -31.76 -19.86 27.81
CA ASP C 73 -32.15 -20.95 26.94
C ASP C 73 -32.72 -20.25 25.70
N ASN C 74 -31.89 -20.13 24.68
CA ASN C 74 -32.30 -19.46 23.44
C ASN C 74 -33.48 -20.13 22.75
N ALA C 75 -33.54 -21.49 22.77
CA ALA C 75 -34.68 -22.23 22.21
C ALA C 75 -35.99 -21.91 22.93
N LYS C 76 -35.91 -21.55 24.22
CA LYS C 76 -37.09 -21.23 25.02
C LYS C 76 -37.33 -19.73 25.18
N ASN C 77 -36.50 -18.89 24.52
CA ASN C 77 -36.58 -17.42 24.59
C ASN C 77 -36.63 -16.95 26.05
N THR C 78 -35.83 -17.60 26.92
CA THR C 78 -35.88 -17.32 28.35
C THR C 78 -34.49 -17.05 28.91
N LEU C 79 -34.43 -16.06 29.80
CA LEU C 79 -33.28 -15.66 30.58
C LEU C 79 -33.57 -16.10 32.01
N TYR C 80 -32.53 -16.54 32.74
CA TYR C 80 -32.73 -16.97 34.13
C TYR C 80 -31.78 -16.26 35.07
N LEU C 81 -32.14 -16.24 36.34
CA LEU C 81 -31.27 -15.77 37.40
C LEU C 81 -31.43 -16.75 38.55
N GLN C 82 -30.43 -17.58 38.78
CA GLN C 82 -30.49 -18.55 39.88
C GLN C 82 -29.80 -17.81 41.03
N MET C 83 -30.53 -17.62 42.13
CA MET C 83 -30.01 -16.94 43.31
C MET C 83 -29.84 -17.98 44.42
N SER C 84 -28.79 -17.88 45.21
CA SER C 84 -28.54 -18.83 46.31
C SER C 84 -27.87 -18.07 47.44
N SER C 85 -27.78 -18.67 48.68
CA SER C 85 -27.21 -17.97 49.84
C SER C 85 -27.78 -16.53 49.94
N LEU C 86 -29.11 -16.41 49.75
CA LEU C 86 -29.78 -15.11 49.77
C LEU C 86 -29.61 -14.32 51.06
N ARG C 87 -29.35 -13.02 50.89
CA ARG C 87 -29.08 -12.09 51.96
C ARG C 87 -30.18 -11.06 52.00
N SER C 88 -30.37 -10.45 53.17
CA SER C 88 -31.34 -9.40 53.42
C SER C 88 -31.24 -8.28 52.34
N GLU C 89 -29.98 -7.85 52.02
CA GLU C 89 -29.74 -6.79 51.03
C GLU C 89 -30.08 -7.17 49.59
N ASP C 90 -30.40 -8.46 49.33
CA ASP C 90 -30.83 -8.91 48.00
C ASP C 90 -32.32 -8.58 47.79
N THR C 91 -33.01 -8.12 48.84
CA THR C 91 -34.42 -7.70 48.74
C THR C 91 -34.51 -6.54 47.71
N ALA C 92 -35.30 -6.73 46.64
CA ALA C 92 -35.41 -5.74 45.57
C ALA C 92 -36.41 -6.16 44.51
N MET C 93 -36.76 -5.21 43.62
CA MET C 93 -37.52 -5.53 42.42
C MET C 93 -36.43 -5.94 41.41
N TYR C 94 -36.55 -7.12 40.82
CA TYR C 94 -35.59 -7.59 39.81
C TYR C 94 -36.11 -7.42 38.40
N TYR C 95 -35.33 -6.71 37.58
CA TYR C 95 -35.65 -6.46 36.19
C TYR C 95 -34.69 -7.16 35.24
N CYS C 96 -35.22 -7.67 34.13
N CYS C 96 -35.25 -7.55 34.11
CA CYS C 96 -34.36 -8.20 33.08
CA CYS C 96 -34.61 -8.21 32.99
C CYS C 96 -34.43 -7.14 31.99
C CYS C 96 -34.51 -7.12 31.91
N ALA C 97 -33.38 -7.00 31.21
CA ALA C 97 -33.27 -5.99 30.17
C ALA C 97 -32.37 -6.50 29.07
N ARG C 98 -32.59 -6.00 27.84
CA ARG C 98 -31.69 -6.32 26.71
C ARG C 98 -30.44 -5.46 26.97
N GLN C 99 -29.29 -5.94 26.58
CA GLN C 99 -28.00 -5.26 26.79
C GLN C 99 -27.33 -4.90 25.48
N ASP C 100 -27.13 -3.61 25.22
CA ASP C 100 -26.33 -3.10 24.10
C ASP C 100 -25.20 -2.35 24.83
N TYR C 101 -24.92 -1.06 24.52
CA TYR C 101 -23.99 -0.30 25.36
C TYR C 101 -24.66 -0.11 26.77
N ALA C 102 -25.99 0.05 26.78
CA ALA C 102 -26.80 0.19 27.99
C ALA C 102 -28.05 -0.72 27.95
N MET C 103 -28.80 -0.76 29.07
CA MET C 103 -29.96 -1.62 29.25
C MET C 103 -31.22 -1.00 28.69
N ASN C 104 -31.92 -1.77 27.86
CA ASN C 104 -33.14 -1.28 27.22
C ASN C 104 -34.29 -2.30 27.28
N TYR C 105 -35.53 -1.79 27.12
CA TYR C 105 -36.77 -2.56 27.16
C TYR C 105 -36.88 -3.41 28.43
N TRP C 106 -36.59 -2.78 29.57
CA TRP C 106 -36.68 -3.45 30.87
C TRP C 106 -38.10 -3.97 31.09
N GLY C 107 -38.22 -5.17 31.63
CA GLY C 107 -39.54 -5.73 31.96
C GLY C 107 -40.18 -4.98 33.11
N GLN C 108 -41.39 -5.37 33.54
N GLN C 108 -41.38 -5.45 33.53
CA GLN C 108 -41.98 -4.66 34.67
CA GLN C 108 -42.19 -4.91 34.64
C GLN C 108 -41.49 -5.12 36.05
C GLN C 108 -41.59 -5.20 36.02
N GLY C 109 -40.70 -6.19 36.08
CA GLY C 109 -40.04 -6.67 37.28
C GLY C 109 -40.72 -7.78 38.06
N THR C 110 -39.95 -8.47 38.90
CA THR C 110 -40.44 -9.49 39.81
C THR C 110 -39.84 -9.19 41.19
N LEU C 111 -40.68 -9.16 42.22
CA LEU C 111 -40.26 -8.77 43.55
C LEU C 111 -39.71 -9.92 44.38
N VAL C 112 -38.51 -9.72 44.92
CA VAL C 112 -37.84 -10.70 45.77
C VAL C 112 -37.68 -10.08 47.16
N THR C 113 -38.20 -10.80 48.16
CA THR C 113 -38.12 -10.34 49.55
C THR C 113 -37.36 -11.41 50.34
N VAL C 114 -36.29 -11.00 50.99
CA VAL C 114 -35.49 -11.96 51.77
C VAL C 114 -35.70 -11.66 53.26
N SER C 115 -36.38 -12.58 53.96
CA SER C 115 -36.73 -12.39 55.37
C SER C 115 -37.11 -13.72 56.00
N SER C 116 -36.99 -13.82 57.34
CA SER C 116 -37.43 -15.01 58.08
C SER C 116 -38.91 -14.86 58.50
N ALA C 117 -39.52 -13.66 58.31
CA ALA C 117 -40.95 -13.40 58.65
C ALA C 117 -41.89 -14.24 57.76
N SER C 118 -43.01 -14.70 58.34
CA SER C 118 -43.90 -15.54 57.54
C SER C 118 -44.86 -14.68 56.75
N THR C 119 -45.44 -15.26 55.69
CA THR C 119 -46.46 -14.61 54.89
C THR C 119 -47.65 -14.33 55.82
N LYS C 120 -48.23 -13.12 55.69
CA LYS C 120 -49.37 -12.72 56.49
C LYS C 120 -50.33 -11.89 55.67
N GLY C 121 -51.60 -12.30 55.65
CA GLY C 121 -52.63 -11.57 54.96
C GLY C 121 -53.02 -10.32 55.74
N PRO C 122 -53.51 -9.25 55.08
CA PRO C 122 -53.84 -8.04 55.84
C PRO C 122 -55.19 -8.10 56.55
N SER C 123 -55.34 -7.22 57.52
CA SER C 123 -56.61 -6.94 58.15
C SER C 123 -57.08 -5.67 57.39
N VAL C 124 -58.37 -5.59 57.03
CA VAL C 124 -58.86 -4.43 56.27
C VAL C 124 -59.88 -3.69 57.13
N PHE C 125 -59.59 -2.43 57.47
CA PHE C 125 -60.49 -1.66 58.32
C PHE C 125 -61.05 -0.45 57.59
N PRO C 126 -62.30 -0.03 57.89
CA PRO C 126 -62.85 1.14 57.21
C PRO C 126 -62.29 2.45 57.77
N LEU C 127 -62.16 3.44 56.90
CA LEU C 127 -61.83 4.82 57.27
C LEU C 127 -63.17 5.50 56.97
N ALA C 128 -64.07 5.48 57.96
CA ALA C 128 -65.46 5.94 57.77
C ALA C 128 -65.58 7.43 57.50
N PRO C 129 -66.46 7.84 56.57
CA PRO C 129 -66.61 9.30 56.30
C PRO C 129 -67.17 10.01 57.54
N SER C 130 -66.60 11.17 57.87
CA SER C 130 -66.94 11.97 59.04
C SER C 130 -68.41 12.39 59.02
N SER C 131 -69.10 12.31 60.20
CA SER C 131 -70.50 12.74 60.33
C SER C 131 -70.60 14.29 60.19
N LYS C 132 -69.44 14.96 60.26
CA LYS C 132 -69.27 16.41 60.15
C LYS C 132 -68.90 16.84 58.72
N SER C 133 -69.01 15.92 57.72
CA SER C 133 -68.72 16.23 56.30
C SER C 133 -69.66 17.35 55.87
N THR C 134 -69.09 18.45 55.35
CA THR C 134 -69.88 19.64 55.01
C THR C 134 -70.94 19.36 53.95
N SER C 135 -72.22 19.66 54.28
CA SER C 135 -73.35 19.48 53.35
C SER C 135 -73.12 20.25 52.06
N GLY C 136 -73.27 19.55 50.94
CA GLY C 136 -73.02 20.11 49.61
C GLY C 136 -71.55 20.17 49.23
N GLY C 137 -70.67 19.79 50.17
CA GLY C 137 -69.21 19.78 50.02
C GLY C 137 -68.63 18.42 49.66
N THR C 138 -67.33 18.25 49.95
CA THR C 138 -66.52 17.04 49.68
C THR C 138 -66.22 16.26 50.95
N ALA C 139 -66.40 14.94 50.88
CA ALA C 139 -66.13 14.01 51.97
C ALA C 139 -65.02 13.06 51.55
N ALA C 140 -64.33 12.48 52.53
CA ALA C 140 -63.30 11.50 52.25
C ALA C 140 -63.64 10.24 53.00
N LEU C 141 -63.32 9.08 52.40
CA LEU C 141 -63.47 7.79 53.08
C LEU C 141 -62.36 6.89 52.57
N GLY C 142 -62.20 5.73 53.16
CA GLY C 142 -61.14 4.84 52.68
C GLY C 142 -61.08 3.52 53.40
N CYS C 143 -59.97 2.81 53.14
CA CYS C 143 -59.71 1.53 53.78
C CYS C 143 -58.29 1.53 54.25
N LEU C 144 -58.08 1.02 55.46
CA LEU C 144 -56.74 0.83 56.02
C LEU C 144 -56.42 -0.66 55.84
N VAL C 145 -55.35 -0.94 55.10
CA VAL C 145 -54.92 -2.30 54.76
C VAL C 145 -53.68 -2.55 55.61
N LYS C 146 -53.89 -3.14 56.79
CA LYS C 146 -52.87 -3.24 57.82
C LYS C 146 -52.28 -4.61 58.06
N ASP C 147 -50.97 -4.61 58.39
CA ASP C 147 -50.21 -5.75 58.86
C ASP C 147 -50.15 -6.90 57.89
N TYR C 148 -49.60 -6.65 56.72
CA TYR C 148 -49.43 -7.72 55.75
C TYR C 148 -47.94 -7.88 55.40
N PHE C 149 -47.63 -9.05 54.84
CA PHE C 149 -46.27 -9.39 54.45
C PHE C 149 -46.31 -10.60 53.53
N PRO C 150 -45.46 -10.63 52.48
CA PRO C 150 -44.64 -9.50 51.97
C PRO C 150 -45.49 -8.59 51.10
N GLU C 151 -44.87 -7.61 50.42
CA GLU C 151 -45.55 -6.83 49.39
C GLU C 151 -45.79 -7.78 48.20
N PRO C 152 -46.69 -7.47 47.24
CA PRO C 152 -47.53 -6.27 47.11
C PRO C 152 -48.98 -6.54 47.48
N VAL C 153 -49.76 -5.47 47.56
CA VAL C 153 -51.19 -5.56 47.76
C VAL C 153 -51.84 -4.71 46.63
N THR C 154 -53.05 -5.02 46.17
CA THR C 154 -53.72 -4.14 45.18
C THR C 154 -55.02 -3.74 45.82
N VAL C 155 -55.49 -2.52 45.50
CA VAL C 155 -56.78 -2.04 46.03
C VAL C 155 -57.54 -1.44 44.87
N SER C 156 -58.83 -1.76 44.76
CA SER C 156 -59.75 -1.11 43.82
C SER C 156 -60.97 -0.70 44.62
N TRP C 157 -61.84 0.15 44.03
CA TRP C 157 -63.07 0.62 44.67
C TRP C 157 -64.24 0.25 43.77
N ASN C 158 -65.28 -0.35 44.38
CA ASN C 158 -66.52 -0.75 43.67
C ASN C 158 -66.23 -1.63 42.45
N SER C 159 -65.29 -2.58 42.60
CA SER C 159 -64.83 -3.52 41.55
C SER C 159 -64.33 -2.80 40.28
N GLY C 160 -63.76 -1.62 40.47
CA GLY C 160 -63.21 -0.81 39.38
C GLY C 160 -64.13 0.26 38.83
N ALA C 161 -65.37 0.33 39.33
CA ALA C 161 -66.36 1.35 38.89
C ALA C 161 -66.03 2.71 39.50
N LEU C 162 -65.27 2.75 40.61
CA LEU C 162 -64.86 4.05 41.18
C LEU C 162 -63.32 4.21 41.06
N THR C 163 -62.86 5.20 40.26
CA THR C 163 -61.43 5.44 40.07
C THR C 163 -61.03 6.90 40.27
N SER C 164 -61.93 7.85 39.95
CA SER C 164 -61.67 9.29 40.10
C SER C 164 -61.62 9.69 41.61
N GLY C 165 -60.61 10.47 41.97
CA GLY C 165 -60.39 10.95 43.33
C GLY C 165 -59.80 9.90 44.27
N VAL C 166 -59.47 8.69 43.73
CA VAL C 166 -58.86 7.62 44.56
C VAL C 166 -57.37 7.93 44.69
N HIS C 167 -56.84 7.80 45.93
CA HIS C 167 -55.43 7.86 46.21
C HIS C 167 -55.06 6.59 46.99
N THR C 168 -54.28 5.66 46.38
CA THR C 168 -53.79 4.47 47.10
C THR C 168 -52.34 4.76 47.41
N PHE C 169 -52.04 4.91 48.70
CA PHE C 169 -50.72 5.33 49.10
C PHE C 169 -49.67 4.25 49.05
N PRO C 170 -48.37 4.64 48.89
CA PRO C 170 -47.27 3.66 49.04
C PRO C 170 -47.36 3.06 50.46
N ALA C 171 -47.09 1.77 50.57
CA ALA C 171 -47.11 1.10 51.86
C ALA C 171 -45.98 1.61 52.76
N VAL C 172 -46.18 1.56 54.07
CA VAL C 172 -45.14 1.88 55.03
C VAL C 172 -44.69 0.57 55.66
N LEU C 173 -43.36 0.40 55.88
CA LEU C 173 -42.88 -0.77 56.57
C LEU C 173 -42.83 -0.37 58.03
N GLN C 174 -43.67 -1.01 58.85
CA GLN C 174 -43.78 -0.69 60.27
C GLN C 174 -42.61 -1.26 61.05
N SER C 175 -42.45 -0.81 62.29
CA SER C 175 -41.36 -1.27 63.16
C SER C 175 -41.45 -2.80 63.40
N SER C 176 -42.65 -3.39 63.23
CA SER C 176 -42.95 -4.84 63.37
C SER C 176 -42.42 -5.68 62.20
N GLY C 177 -41.98 -5.04 61.13
CA GLY C 177 -41.53 -5.73 59.92
C GLY C 177 -42.69 -6.02 58.99
N LEU C 178 -43.93 -5.56 59.35
CA LEU C 178 -45.13 -5.76 58.52
C LEU C 178 -45.50 -4.46 57.79
N TYR C 179 -46.10 -4.57 56.61
CA TYR C 179 -46.50 -3.41 55.83
C TYR C 179 -47.93 -2.96 56.20
N SER C 180 -48.23 -1.69 55.93
N SER C 180 -48.23 -1.71 55.91
CA SER C 180 -49.54 -1.12 56.13
CA SER C 180 -49.55 -1.13 56.08
C SER C 180 -49.72 -0.01 55.11
C SER C 180 -49.71 -0.06 55.02
N LEU C 181 -50.92 0.08 54.51
CA LEU C 181 -51.22 1.14 53.55
C LEU C 181 -52.63 1.57 53.69
N SER C 182 -52.93 2.75 53.16
CA SER C 182 -54.29 3.22 53.14
C SER C 182 -54.65 3.54 51.69
N SER C 183 -55.93 3.45 51.39
CA SER C 183 -56.47 3.81 50.10
C SER C 183 -57.66 4.71 50.43
N VAL C 184 -57.69 5.90 49.87
CA VAL C 184 -58.77 6.86 50.17
C VAL C 184 -59.45 7.31 48.88
N VAL C 185 -60.64 7.91 49.02
CA VAL C 185 -61.36 8.46 47.89
C VAL C 185 -62.12 9.68 48.38
N THR C 186 -62.17 10.75 47.57
CA THR C 186 -63.02 11.89 47.91
C THR C 186 -64.22 11.86 47.00
N VAL C 187 -65.39 12.06 47.60
CA VAL C 187 -66.68 12.00 46.90
C VAL C 187 -67.53 13.18 47.40
N PRO C 188 -68.63 13.53 46.70
CA PRO C 188 -69.50 14.59 47.25
C PRO C 188 -70.16 14.09 48.54
N SER C 189 -70.21 14.96 49.58
CA SER C 189 -70.86 14.63 50.87
C SER C 189 -72.28 14.17 50.66
N SER C 190 -73.01 14.76 49.68
CA SER C 190 -74.40 14.40 49.36
C SER C 190 -74.59 12.94 48.89
N SER C 191 -73.52 12.26 48.37
CA SER C 191 -73.58 10.85 47.92
C SER C 191 -73.53 9.84 49.06
N LEU C 192 -73.07 10.29 50.24
CA LEU C 192 -72.90 9.40 51.40
C LEU C 192 -74.27 8.90 51.83
N GLY C 193 -74.39 7.63 52.12
CA GLY C 193 -75.71 7.15 52.53
C GLY C 193 -76.65 6.73 51.41
N THR C 194 -76.29 6.97 50.13
CA THR C 194 -77.07 6.46 49.00
C THR C 194 -76.18 5.57 48.15
N GLN C 195 -74.95 6.03 47.90
CA GLN C 195 -73.98 5.28 47.08
C GLN C 195 -73.18 4.36 48.00
N THR C 196 -73.10 3.07 47.66
CA THR C 196 -72.30 2.11 48.45
C THR C 196 -70.84 2.25 48.01
N TYR C 197 -69.93 2.15 48.97
CA TYR C 197 -68.50 2.25 48.72
C TYR C 197 -67.82 1.03 49.31
N ILE C 198 -67.21 0.23 48.44
CA ILE C 198 -66.53 -1.02 48.84
C ILE C 198 -65.10 -0.99 48.33
N CYS C 199 -64.13 -1.27 49.22
CA CYS C 199 -62.74 -1.41 48.76
C CYS C 199 -62.47 -2.90 48.58
N ASN C 200 -61.91 -3.25 47.45
CA ASN C 200 -61.57 -4.64 47.12
C ASN C 200 -60.07 -4.77 47.28
N VAL C 201 -59.64 -5.52 48.29
CA VAL C 201 -58.21 -5.69 48.59
C VAL C 201 -57.77 -7.10 48.17
N ASN C 202 -56.66 -7.18 47.44
CA ASN C 202 -56.08 -8.46 47.05
C ASN C 202 -54.62 -8.51 47.47
N HIS C 203 -54.27 -9.54 48.28
CA HIS C 203 -52.91 -9.83 48.72
C HIS C 203 -52.58 -11.21 48.15
N LYS C 204 -52.10 -11.22 46.91
CA LYS C 204 -51.73 -12.45 46.17
C LYS C 204 -50.74 -13.32 46.97
N PRO C 205 -49.68 -12.77 47.64
CA PRO C 205 -48.78 -13.65 48.43
C PRO C 205 -49.45 -14.58 49.45
N SER C 206 -50.60 -14.16 50.07
CA SER C 206 -51.32 -15.00 51.04
C SER C 206 -52.65 -15.55 50.49
N ASN C 207 -52.98 -15.24 49.22
CA ASN C 207 -54.28 -15.60 48.61
C ASN C 207 -55.46 -15.05 49.46
N THR C 208 -55.28 -13.81 49.95
CA THR C 208 -56.28 -13.10 50.75
C THR C 208 -56.95 -12.13 49.79
N LYS C 209 -58.29 -12.18 49.76
CA LYS C 209 -59.16 -11.27 49.02
C LYS C 209 -60.21 -10.78 50.00
N VAL C 210 -60.31 -9.45 50.16
CA VAL C 210 -61.24 -8.85 51.11
C VAL C 210 -62.00 -7.71 50.46
N ASP C 211 -63.34 -7.72 50.61
CA ASP C 211 -64.19 -6.64 50.15
C ASP C 211 -64.73 -6.04 51.42
N LYS C 212 -64.45 -4.75 51.68
CA LYS C 212 -64.93 -4.09 52.88
C LYS C 212 -65.86 -2.95 52.51
N LYS C 213 -67.11 -2.99 53.02
CA LYS C 213 -68.03 -1.89 52.79
C LYS C 213 -67.61 -0.77 53.77
N VAL C 214 -67.55 0.47 53.27
CA VAL C 214 -67.19 1.65 54.06
C VAL C 214 -68.39 2.58 54.08
N GLU C 215 -68.93 2.78 55.26
CA GLU C 215 -70.12 3.60 55.40
C GLU C 215 -70.00 4.57 56.57
N PRO C 216 -70.84 5.63 56.64
CA PRO C 216 -70.85 6.48 57.85
C PRO C 216 -71.19 5.60 59.05
N LYS C 217 -70.57 5.85 60.19
CA LYS C 217 -70.78 5.02 61.39
C LYS C 217 -72.15 5.29 62.00
N ASP D 1 -14.43 0.57 43.04
CA ASP D 1 -15.59 0.75 42.15
C ASP D 1 -15.84 2.21 41.82
N ILE D 2 -16.40 2.48 40.63
CA ILE D 2 -16.72 3.86 40.21
C ILE D 2 -18.03 4.32 40.85
N GLU D 3 -18.00 5.53 41.44
CA GLU D 3 -19.17 6.12 42.05
C GLU D 3 -19.73 7.20 41.12
N MET D 4 -21.03 7.19 40.89
CA MET D 4 -21.71 8.16 40.04
C MET D 4 -22.53 9.04 40.99
N THR D 5 -22.29 10.36 40.96
CA THR D 5 -22.98 11.26 41.86
C THR D 5 -23.86 12.25 41.13
N GLN D 6 -25.15 12.23 41.48
CA GLN D 6 -26.13 13.19 41.00
C GLN D 6 -26.42 14.04 42.28
N SER D 7 -25.77 15.21 42.35
CA SER D 7 -25.87 16.13 43.51
C SER D 7 -27.27 16.59 43.87
N HIS D 8 -28.16 16.74 42.86
CA HIS D 8 -29.52 17.20 43.07
C HIS D 8 -30.47 16.04 43.08
N LYS D 9 -31.09 15.77 44.23
CA LYS D 9 -32.07 14.67 44.34
C LYS D 9 -33.44 15.09 43.80
N PHE D 10 -33.74 16.40 43.86
N PHE D 10 -33.71 16.40 43.82
CA PHE D 10 -35.02 16.96 43.43
CA PHE D 10 -34.99 16.94 43.40
C PHE D 10 -34.82 18.26 42.66
C PHE D 10 -34.82 18.26 42.66
N MET D 11 -35.57 18.42 41.58
CA MET D 11 -35.57 19.62 40.73
C MET D 11 -36.99 19.96 40.36
N SER D 12 -37.34 21.26 40.47
N SER D 12 -37.36 21.27 40.50
CA SER D 12 -38.67 21.74 40.15
CA SER D 12 -38.69 21.76 40.14
C SER D 12 -38.61 22.65 38.90
C SER D 12 -38.58 22.60 38.87
N THR D 13 -39.48 22.38 37.93
CA THR D 13 -39.52 23.09 36.66
C THR D 13 -40.92 23.47 36.25
N SER D 14 -41.03 24.37 35.27
CA SER D 14 -42.32 24.72 34.68
C SER D 14 -42.26 24.15 33.29
N VAL D 15 -43.41 23.80 32.72
CA VAL D 15 -43.50 23.32 31.34
C VAL D 15 -42.91 24.39 30.38
N GLY D 16 -42.13 23.93 29.40
CA GLY D 16 -41.46 24.82 28.44
C GLY D 16 -40.08 25.25 28.87
N ASP D 17 -39.71 25.01 30.12
CA ASP D 17 -38.40 25.37 30.64
C ASP D 17 -37.33 24.35 30.26
N ARG D 18 -36.07 24.78 30.39
CA ARG D 18 -34.92 23.95 30.12
C ARG D 18 -34.46 23.37 31.47
N VAL D 19 -34.20 22.07 31.51
CA VAL D 19 -33.75 21.38 32.71
C VAL D 19 -32.44 20.71 32.38
N SER D 20 -31.44 20.90 33.24
CA SER D 20 -30.14 20.28 33.10
C SER D 20 -29.83 19.52 34.38
N ILE D 21 -29.49 18.22 34.25
CA ILE D 21 -29.17 17.33 35.37
C ILE D 21 -27.71 16.92 35.22
N THR D 22 -26.94 17.10 36.29
N THR D 22 -26.94 17.10 36.29
CA THR D 22 -25.51 16.78 36.32
CA THR D 22 -25.52 16.77 36.30
C THR D 22 -25.22 15.43 36.98
C THR D 22 -25.23 15.41 36.95
N CYS D 23 -24.15 14.78 36.50
CA CYS D 23 -23.70 13.49 36.99
C CYS D 23 -22.18 13.54 37.00
N LYS D 24 -21.58 13.16 38.11
CA LYS D 24 -20.12 13.16 38.27
C LYS D 24 -19.59 11.77 38.54
N ALA D 25 -18.62 11.32 37.75
CA ALA D 25 -17.98 10.03 37.97
C ALA D 25 -16.76 10.25 38.86
N SER D 26 -16.49 9.32 39.79
CA SER D 26 -15.35 9.38 40.73
C SER D 26 -14.00 9.08 40.03
N GLN D 27 -14.05 8.62 38.76
CA GLN D 27 -12.90 8.29 37.92
C GLN D 27 -13.26 8.64 36.47
N ASP D 28 -12.25 8.74 35.61
CA ASP D 28 -12.46 9.00 34.20
C ASP D 28 -13.21 7.79 33.60
N VAL D 29 -14.35 8.06 32.94
CA VAL D 29 -15.13 6.97 32.32
C VAL D 29 -15.30 7.24 30.82
N SER D 30 -14.39 8.07 30.24
CA SER D 30 -14.46 8.46 28.84
C SER D 30 -15.89 9.00 28.51
N THR D 31 -16.57 8.44 27.50
CA THR D 31 -17.92 8.89 27.17
C THR D 31 -18.92 7.78 27.54
N ALA D 32 -18.53 6.84 28.41
CA ALA D 32 -19.35 5.67 28.70
C ALA D 32 -20.41 5.88 29.80
N VAL D 33 -21.39 6.75 29.51
CA VAL D 33 -22.46 7.09 30.45
C VAL D 33 -23.83 6.97 29.77
N ALA D 34 -24.79 6.36 30.48
CA ALA D 34 -26.16 6.24 30.01
C ALA D 34 -27.07 7.03 30.94
N TRP D 35 -28.20 7.47 30.41
CA TRP D 35 -29.23 8.17 31.16
C TRP D 35 -30.53 7.41 30.99
N TYR D 36 -31.25 7.21 32.11
CA TYR D 36 -32.53 6.51 32.13
C TYR D 36 -33.59 7.41 32.71
N GLN D 37 -34.84 7.17 32.33
CA GLN D 37 -36.01 7.90 32.82
C GLN D 37 -36.93 6.86 33.47
N GLN D 38 -37.30 7.11 34.73
CA GLN D 38 -38.22 6.24 35.44
C GLN D 38 -39.47 7.00 35.89
N LYS D 39 -40.61 6.62 35.30
CA LYS D 39 -41.92 7.23 35.67
C LYS D 39 -42.56 6.36 36.76
N PRO D 40 -43.43 6.95 37.62
CA PRO D 40 -44.04 6.14 38.70
C PRO D 40 -44.77 4.88 38.21
N GLY D 41 -44.54 3.80 38.91
CA GLY D 41 -45.12 2.48 38.64
C GLY D 41 -44.57 1.75 37.44
N GLN D 42 -43.49 2.30 36.82
CA GLN D 42 -42.88 1.73 35.62
C GLN D 42 -41.40 1.44 35.85
N SER D 43 -40.83 0.60 35.01
CA SER D 43 -39.41 0.32 35.10
C SER D 43 -38.65 1.46 34.36
N PRO D 44 -37.36 1.68 34.65
CA PRO D 44 -36.62 2.71 33.91
C PRO D 44 -36.56 2.44 32.41
N LYS D 45 -36.51 3.52 31.62
CA LYS D 45 -36.42 3.45 30.16
C LYS D 45 -35.13 4.13 29.72
N LEU D 46 -34.41 3.50 28.81
CA LEU D 46 -33.17 4.08 28.30
C LEU D 46 -33.41 5.31 27.40
N LEU D 47 -32.73 6.41 27.71
CA LEU D 47 -32.79 7.64 26.89
C LEU D 47 -31.51 7.83 26.06
N LEU D 48 -30.34 7.80 26.73
CA LEU D 48 -29.05 8.07 26.08
C LEU D 48 -28.04 7.03 26.48
N TYR D 49 -27.03 6.81 25.64
CA TYR D 49 -25.92 5.92 25.97
C TYR D 49 -24.66 6.52 25.35
N SER D 50 -23.47 6.10 25.82
CA SER D 50 -22.22 6.67 25.30
C SER D 50 -22.29 8.21 25.37
N ALA D 51 -22.86 8.72 26.51
CA ALA D 51 -23.03 10.13 26.87
C ALA D 51 -23.99 10.98 26.04
N SER D 52 -23.98 10.86 24.69
CA SER D 52 -24.77 11.72 23.81
C SER D 52 -25.66 11.02 22.78
N TYR D 53 -25.61 9.69 22.72
CA TYR D 53 -26.36 8.96 21.70
C TYR D 53 -27.77 8.65 22.14
N ARG D 54 -28.78 9.17 21.43
CA ARG D 54 -30.18 8.92 21.78
C ARG D 54 -30.53 7.48 21.42
N TYR D 55 -31.23 6.79 22.32
CA TYR D 55 -31.69 5.44 22.01
C TYR D 55 -32.85 5.59 21.01
N THR D 56 -33.11 4.53 20.23
CA THR D 56 -34.17 4.55 19.20
C THR D 56 -35.52 5.00 19.74
N GLY D 57 -36.10 6.03 19.11
CA GLY D 57 -37.42 6.56 19.47
C GLY D 57 -37.46 7.60 20.57
N VAL D 58 -36.29 8.00 21.11
CA VAL D 58 -36.22 9.01 22.17
C VAL D 58 -36.41 10.42 21.55
N PRO D 59 -37.33 11.26 22.10
CA PRO D 59 -37.55 12.61 21.52
C PRO D 59 -36.30 13.50 21.47
N ASP D 60 -36.26 14.38 20.47
CA ASP D 60 -35.19 15.34 20.20
C ASP D 60 -34.86 16.27 21.36
N ARG D 61 -35.86 16.55 22.23
CA ARG D 61 -35.68 17.43 23.39
C ARG D 61 -34.70 16.89 24.43
N PHE D 62 -34.40 15.56 24.39
CA PHE D 62 -33.45 14.93 25.29
C PHE D 62 -32.06 14.87 24.67
N THR D 63 -31.07 15.47 25.35
CA THR D 63 -29.67 15.44 24.89
C THR D 63 -28.77 15.14 26.07
N GLY D 64 -27.57 14.70 25.76
CA GLY D 64 -26.57 14.42 26.78
C GLY D 64 -25.21 14.88 26.28
N SER D 65 -24.33 15.23 27.22
CA SER D 65 -22.98 15.68 26.90
C SER D 65 -22.02 15.32 28.03
N GLY D 66 -20.74 15.48 27.74
CA GLY D 66 -19.69 15.18 28.70
C GLY D 66 -18.74 14.11 28.25
N SER D 67 -17.56 14.15 28.85
CA SER D 67 -16.46 13.22 28.58
C SER D 67 -15.52 13.28 29.78
N GLY D 68 -15.13 12.12 30.29
CA GLY D 68 -14.24 12.03 31.43
C GLY D 68 -14.97 11.83 32.74
N THR D 69 -15.19 12.92 33.52
CA THR D 69 -15.87 12.78 34.82
C THR D 69 -17.20 13.54 34.93
N ASP D 70 -17.40 14.63 34.17
CA ASP D 70 -18.59 15.47 34.29
C ASP D 70 -19.56 15.29 33.13
N PHE D 71 -20.81 14.93 33.46
CA PHE D 71 -21.82 14.62 32.46
C PHE D 71 -23.08 15.42 32.69
N THR D 72 -23.76 15.78 31.61
CA THR D 72 -24.98 16.58 31.72
C THR D 72 -26.08 16.02 30.86
N PHE D 73 -27.27 15.88 31.43
CA PHE D 73 -28.45 15.45 30.71
C PHE D 73 -29.34 16.70 30.58
N THR D 74 -29.81 17.00 29.38
CA THR D 74 -30.66 18.17 29.16
C THR D 74 -32.03 17.89 28.51
N ILE D 75 -33.07 18.49 29.09
CA ILE D 75 -34.39 18.52 28.46
C ILE D 75 -34.45 19.99 27.95
N SER D 76 -34.48 20.17 26.61
CA SER D 76 -34.48 21.52 26.02
C SER D 76 -35.71 22.33 26.41
N SER D 77 -36.90 21.71 26.33
CA SER D 77 -38.18 22.32 26.67
C SER D 77 -39.07 21.26 27.35
N VAL D 78 -39.18 21.30 28.70
CA VAL D 78 -39.92 20.34 29.54
C VAL D 78 -41.37 20.22 29.12
N ASN D 79 -41.83 18.97 28.92
CA ASN D 79 -43.22 18.62 28.61
C ASN D 79 -43.79 17.97 29.86
N ALA D 80 -45.13 18.08 30.08
CA ALA D 80 -45.82 17.54 31.25
C ALA D 80 -45.49 16.05 31.53
N GLU D 81 -45.34 15.24 30.48
CA GLU D 81 -45.01 13.82 30.61
C GLU D 81 -43.57 13.53 31.11
N ASP D 82 -42.68 14.57 31.22
CA ASP D 82 -41.29 14.42 31.63
C ASP D 82 -41.08 14.29 33.14
N LEU D 83 -42.19 14.33 33.90
CA LEU D 83 -42.24 14.13 35.34
C LEU D 83 -41.76 12.70 35.53
N ALA D 84 -40.57 12.57 36.09
CA ALA D 84 -39.89 11.27 36.28
C ALA D 84 -38.65 11.42 37.14
N VAL D 85 -38.01 10.29 37.48
CA VAL D 85 -36.73 10.26 38.16
C VAL D 85 -35.73 9.91 37.04
N TYR D 86 -34.67 10.71 36.91
CA TYR D 86 -33.62 10.49 35.90
C TYR D 86 -32.38 9.95 36.57
N TYR D 87 -31.83 8.86 36.00
CA TYR D 87 -30.62 8.25 36.58
C TYR D 87 -29.50 8.22 35.55
N CYS D 88 -28.27 8.44 36.00
CA CYS D 88 -27.11 8.23 35.13
C CYS D 88 -26.51 6.87 35.52
N GLN D 89 -25.67 6.30 34.65
CA GLN D 89 -25.00 5.05 34.89
C GLN D 89 -23.71 5.05 34.09
N GLN D 90 -22.65 4.52 34.65
CA GLN D 90 -21.44 4.35 33.85
C GLN D 90 -21.46 2.95 33.28
N HIS D 91 -21.11 2.82 31.99
CA HIS D 91 -20.97 1.55 31.32
C HIS D 91 -19.52 1.48 30.77
N TYR D 92 -18.58 1.97 31.59
CA TYR D 92 -17.15 2.04 31.29
C TYR D 92 -16.40 0.76 31.69
N SER D 93 -16.60 0.32 32.95
N SER D 93 -16.58 0.32 32.93
CA SER D 93 -15.95 -0.85 33.52
CA SER D 93 -15.97 -0.91 33.45
C SER D 93 -16.85 -1.47 34.57
C SER D 93 -16.83 -1.48 34.55
N THR D 94 -16.96 -2.81 34.57
CA THR D 94 -17.75 -3.53 35.58
C THR D 94 -17.02 -3.45 36.96
N PRO D 95 -17.76 -3.31 38.08
CA PRO D 95 -19.23 -3.33 38.16
C PRO D 95 -19.88 -2.03 37.71
N TRP D 96 -20.87 -2.16 36.82
CA TRP D 96 -21.64 -1.01 36.37
C TRP D 96 -22.38 -0.41 37.57
N THR D 97 -22.35 0.91 37.68
CA THR D 97 -22.92 1.62 38.82
C THR D 97 -23.78 2.77 38.36
N PHE D 98 -24.83 3.06 39.15
CA PHE D 98 -25.81 4.08 38.84
C PHE D 98 -25.69 5.28 39.76
N GLY D 99 -26.14 6.44 39.26
CA GLY D 99 -26.29 7.62 40.09
C GLY D 99 -27.50 7.42 40.99
N GLY D 100 -27.66 8.25 42.02
CA GLY D 100 -28.79 8.12 42.95
C GLY D 100 -30.13 8.62 42.45
N GLY D 101 -30.16 9.18 41.25
CA GLY D 101 -31.40 9.67 40.65
C GLY D 101 -31.74 11.12 41.00
N THR D 102 -32.43 11.78 40.08
CA THR D 102 -32.89 13.16 40.24
C THR D 102 -34.35 13.17 39.87
N LYS D 103 -35.22 13.53 40.83
CA LYS D 103 -36.64 13.59 40.56
C LYS D 103 -37.00 14.97 40.05
N VAL D 104 -37.65 15.02 38.89
CA VAL D 104 -38.09 16.25 38.27
C VAL D 104 -39.60 16.42 38.47
N GLU D 105 -40.01 17.50 39.17
CA GLU D 105 -41.44 17.80 39.37
C GLU D 105 -41.85 19.03 38.57
N ILE D 106 -43.16 19.19 38.33
CA ILE D 106 -43.72 20.31 37.59
C ILE D 106 -44.33 21.31 38.58
N LYS D 107 -44.13 22.60 38.33
CA LYS D 107 -44.65 23.68 39.17
C LYS D 107 -46.12 23.95 38.81
N ARG D 108 -46.92 24.35 39.81
CA ARG D 108 -48.32 24.73 39.61
C ARG D 108 -48.63 25.74 40.69
N THR D 109 -49.85 26.30 40.69
CA THR D 109 -50.20 27.28 41.73
C THR D 109 -50.27 26.58 43.10
N VAL D 110 -50.07 27.32 44.18
CA VAL D 110 -50.20 26.78 45.55
C VAL D 110 -51.65 26.27 45.75
N ALA D 111 -51.78 25.07 46.35
CA ALA D 111 -53.07 24.49 46.67
C ALA D 111 -52.94 23.95 48.09
N ALA D 112 -53.74 24.51 49.01
CA ALA D 112 -53.71 24.06 50.40
C ALA D 112 -54.34 22.68 50.45
N PRO D 113 -53.91 21.78 51.33
CA PRO D 113 -54.58 20.48 51.36
C PRO D 113 -55.94 20.52 52.00
N SER D 114 -56.87 19.64 51.59
N SER D 114 -56.84 19.62 51.60
CA SER D 114 -58.11 19.46 52.34
CA SER D 114 -58.08 19.39 52.32
C SER D 114 -57.72 18.36 53.36
C SER D 114 -57.69 18.33 53.37
N VAL D 115 -58.03 18.57 54.65
CA VAL D 115 -57.59 17.64 55.74
C VAL D 115 -58.73 16.86 56.32
N PHE D 116 -58.50 15.55 56.58
CA PHE D 116 -59.51 14.67 57.16
C PHE D 116 -58.88 13.76 58.21
N ILE D 117 -59.58 13.55 59.31
CA ILE D 117 -59.14 12.64 60.37
C ILE D 117 -60.08 11.45 60.44
N PHE D 118 -59.51 10.25 60.65
CA PHE D 118 -60.30 9.03 60.76
C PHE D 118 -60.03 8.31 62.07
N PRO D 119 -61.07 8.10 62.90
CA PRO D 119 -60.86 7.33 64.15
C PRO D 119 -60.60 5.87 63.86
N PRO D 120 -60.02 5.08 64.81
CA PRO D 120 -59.93 3.63 64.58
C PRO D 120 -61.32 3.01 64.53
N SER D 121 -61.48 1.94 63.75
CA SER D 121 -62.76 1.25 63.65
C SER D 121 -62.99 0.41 64.91
N ASP D 122 -64.25 0.14 65.24
CA ASP D 122 -64.61 -0.71 66.40
C ASP D 122 -64.05 -2.11 66.18
N GLU D 123 -64.01 -2.58 64.90
CA GLU D 123 -63.48 -3.90 64.60
C GLU D 123 -62.03 -4.02 65.02
N GLN D 124 -61.20 -3.04 64.65
CA GLN D 124 -59.78 -3.04 65.03
C GLN D 124 -59.60 -2.97 66.54
N LEU D 125 -60.36 -2.08 67.21
CA LEU D 125 -60.27 -1.91 68.66
C LEU D 125 -60.46 -3.22 69.44
N LYS D 126 -61.37 -4.13 68.99
CA LYS D 126 -61.65 -5.46 69.61
C LYS D 126 -60.40 -6.30 69.80
N SER D 127 -59.40 -6.08 68.91
CA SER D 127 -58.12 -6.79 68.87
C SER D 127 -56.94 -6.16 69.64
N GLY D 128 -57.18 -5.04 70.31
CA GLY D 128 -56.18 -4.40 71.15
C GLY D 128 -55.30 -3.34 70.53
N THR D 129 -55.59 -2.89 69.29
CA THR D 129 -54.82 -1.83 68.61
C THR D 129 -55.73 -0.73 68.08
N ALA D 130 -55.20 0.51 68.04
CA ALA D 130 -55.91 1.69 67.50
C ALA D 130 -55.04 2.39 66.47
N SER D 131 -55.47 2.39 65.20
CA SER D 131 -54.79 3.14 64.14
C SER D 131 -55.61 4.42 63.87
N VAL D 132 -55.00 5.61 64.01
CA VAL D 132 -55.74 6.85 63.74
C VAL D 132 -55.10 7.41 62.49
N VAL D 133 -55.91 7.80 61.50
CA VAL D 133 -55.39 8.19 60.18
C VAL D 133 -55.77 9.64 59.85
N CYS D 134 -54.77 10.39 59.31
CA CYS D 134 -54.96 11.77 58.87
C CYS D 134 -54.60 11.82 57.39
N LEU D 135 -55.49 12.35 56.58
CA LEU D 135 -55.29 12.50 55.14
C LEU D 135 -55.17 13.99 54.78
N LEU D 136 -54.16 14.34 53.98
CA LEU D 136 -53.92 15.68 53.43
C LEU D 136 -54.12 15.44 51.93
N ASN D 137 -55.19 16.01 51.40
CA ASN D 137 -55.56 15.74 50.03
C ASN D 137 -55.27 16.84 49.06
N ASN D 138 -54.65 16.47 47.91
CA ASN D 138 -54.43 17.33 46.76
C ASN D 138 -53.80 18.71 47.07
N PHE D 139 -52.56 18.70 47.52
CA PHE D 139 -51.84 19.92 47.85
C PHE D 139 -50.59 20.13 47.01
N TYR D 140 -50.13 21.38 46.96
CA TYR D 140 -48.93 21.81 46.26
C TYR D 140 -48.43 23.10 46.96
N PRO D 141 -47.11 23.28 47.25
CA PRO D 141 -46.00 22.33 47.02
C PRO D 141 -45.96 21.15 48.00
N ARG D 142 -44.99 20.27 47.77
CA ARG D 142 -44.79 19.05 48.55
C ARG D 142 -44.62 19.24 50.04
N GLU D 143 -43.95 20.33 50.46
CA GLU D 143 -43.64 20.59 51.88
C GLU D 143 -44.90 20.71 52.76
N ALA D 144 -45.04 19.77 53.70
CA ALA D 144 -46.20 19.76 54.60
C ALA D 144 -45.79 19.08 55.88
N LYS D 145 -46.25 19.59 57.00
CA LYS D 145 -45.96 19.00 58.30
C LYS D 145 -47.24 18.58 58.98
N VAL D 146 -47.24 17.32 59.46
CA VAL D 146 -48.34 16.74 60.19
C VAL D 146 -47.86 16.55 61.62
N GLN D 147 -48.63 17.07 62.58
CA GLN D 147 -48.33 16.88 64.00
C GLN D 147 -49.53 16.21 64.66
N TRP D 148 -49.29 15.05 65.29
CA TRP D 148 -50.36 14.39 66.02
C TRP D 148 -50.41 14.91 67.44
N LYS D 149 -51.62 15.13 67.96
CA LYS D 149 -51.86 15.59 69.33
C LYS D 149 -52.94 14.74 69.95
N VAL D 150 -52.70 14.29 71.19
CA VAL D 150 -53.63 13.46 71.93
C VAL D 150 -53.90 14.21 73.25
N ASP D 151 -55.14 14.68 73.44
CA ASP D 151 -55.55 15.53 74.58
C ASP D 151 -54.62 16.75 74.60
N ASN D 152 -54.35 17.31 73.41
CA ASN D 152 -53.46 18.45 73.20
C ASN D 152 -51.96 18.20 73.52
N ALA D 153 -51.55 16.94 73.74
CA ALA D 153 -50.16 16.60 73.97
C ALA D 153 -49.54 16.12 72.66
N LEU D 154 -48.44 16.78 72.25
CA LEU D 154 -47.68 16.48 71.04
C LEU D 154 -47.17 15.05 71.07
N GLN D 155 -47.42 14.31 69.98
CA GLN D 155 -46.95 12.93 69.84
C GLN D 155 -45.62 12.93 69.11
N SER D 156 -44.81 11.87 69.37
CA SER D 156 -43.52 11.59 68.74
C SER D 156 -43.29 10.08 68.72
N GLY D 157 -42.64 9.61 67.68
CA GLY D 157 -42.20 8.23 67.51
C GLY D 157 -43.29 7.18 67.34
N ASN D 158 -44.54 7.62 67.19
CA ASN D 158 -45.61 6.62 67.09
C ASN D 158 -46.45 6.81 65.81
N SER D 159 -45.89 7.49 64.81
CA SER D 159 -46.58 7.73 63.53
C SER D 159 -45.69 7.51 62.31
N GLN D 160 -46.31 7.17 61.19
CA GLN D 160 -45.60 7.01 59.93
C GLN D 160 -46.45 7.63 58.84
N GLU D 161 -45.80 8.15 57.81
CA GLU D 161 -46.50 8.76 56.69
C GLU D 161 -45.98 8.27 55.37
N SER D 162 -46.79 8.47 54.34
CA SER D 162 -46.40 8.18 52.97
C SER D 162 -47.10 9.17 52.06
N VAL D 163 -46.46 9.48 50.91
CA VAL D 163 -46.93 10.52 49.99
C VAL D 163 -47.09 9.92 48.62
N THR D 164 -48.11 10.34 47.90
CA THR D 164 -48.30 9.87 46.52
C THR D 164 -47.36 10.65 45.59
N GLU D 165 -47.19 10.14 44.38
CA GLU D 165 -46.41 10.80 43.36
C GLU D 165 -47.29 11.93 42.82
N GLN D 166 -46.66 13.00 42.35
CA GLN D 166 -47.35 14.15 41.80
C GLN D 166 -48.37 13.69 40.74
N ASP D 167 -49.63 14.13 40.89
CA ASP D 167 -50.71 13.72 39.99
C ASP D 167 -50.46 14.17 38.53
N SER D 168 -50.71 13.26 37.56
CA SER D 168 -50.47 13.59 36.14
C SER D 168 -51.39 14.66 35.58
N LYS D 169 -52.59 14.80 36.14
CA LYS D 169 -53.60 15.76 35.70
C LYS D 169 -53.49 17.10 36.45
N ASP D 170 -53.62 17.09 37.79
CA ASP D 170 -53.62 18.34 38.58
C ASP D 170 -52.27 18.72 39.22
N SER D 171 -51.19 17.89 39.08
CA SER D 171 -49.87 18.21 39.63
C SER D 171 -49.81 18.39 41.17
N THR D 172 -50.77 17.80 41.90
CA THR D 172 -50.76 17.88 43.35
C THR D 172 -50.21 16.58 43.98
N TYR D 173 -49.99 16.63 45.29
CA TYR D 173 -49.58 15.52 46.13
C TYR D 173 -50.67 15.22 47.13
N SER D 174 -50.71 13.97 47.65
CA SER D 174 -51.57 13.62 48.78
C SER D 174 -50.69 12.93 49.80
N LEU D 175 -51.07 13.00 51.06
CA LEU D 175 -50.28 12.42 52.14
C LEU D 175 -51.21 11.75 53.16
N SER D 176 -50.83 10.57 53.64
CA SER D 176 -51.55 9.85 54.68
C SER D 176 -50.58 9.68 55.85
N SER D 177 -51.01 9.95 57.09
CA SER D 177 -50.20 9.75 58.30
C SER D 177 -51.02 8.84 59.20
N THR D 178 -50.38 7.79 59.76
CA THR D 178 -51.07 6.88 60.70
C THR D 178 -50.40 6.93 62.09
N LEU D 179 -51.18 7.21 63.10
CA LEU D 179 -50.78 7.21 64.51
C LEU D 179 -51.21 5.82 65.06
N THR D 180 -50.26 5.08 65.66
CA THR D 180 -50.59 3.75 66.16
C THR D 180 -50.45 3.69 67.67
N LEU D 181 -51.53 3.31 68.37
CA LEU D 181 -51.55 3.22 69.83
C LEU D 181 -52.11 1.89 70.25
N SER D 182 -51.77 1.45 71.49
CA SER D 182 -52.44 0.24 72.00
C SER D 182 -53.87 0.70 72.35
N LYS D 183 -54.83 -0.24 72.39
CA LYS D 183 -56.19 0.09 72.79
C LYS D 183 -56.21 0.70 74.21
N ALA D 184 -55.37 0.16 75.15
CA ALA D 184 -55.29 0.67 76.52
C ALA D 184 -54.90 2.14 76.53
N ASP D 185 -53.88 2.53 75.72
CA ASP D 185 -53.45 3.93 75.61
C ASP D 185 -54.53 4.78 74.97
N TYR D 186 -55.17 4.25 73.92
CA TYR D 186 -56.23 4.95 73.19
C TYR D 186 -57.42 5.34 74.08
N GLU D 187 -57.84 4.41 74.95
CA GLU D 187 -58.96 4.59 75.88
C GLU D 187 -58.70 5.49 77.07
N LYS D 188 -57.42 5.87 77.30
CA LYS D 188 -57.01 6.78 78.38
C LYS D 188 -57.16 8.25 77.99
N HIS D 189 -57.47 8.52 76.71
CA HIS D 189 -57.53 9.90 76.24
C HIS D 189 -58.79 10.19 75.50
N LYS D 190 -59.11 11.48 75.36
CA LYS D 190 -60.34 11.90 74.71
C LYS D 190 -60.19 12.49 73.29
N VAL D 191 -59.41 13.59 73.17
CA VAL D 191 -59.29 14.37 71.95
C VAL D 191 -58.13 13.90 71.09
N TYR D 192 -58.44 13.47 69.87
CA TYR D 192 -57.44 13.00 68.91
C TYR D 192 -57.40 13.99 67.78
N ALA D 193 -56.23 14.53 67.50
CA ALA D 193 -56.10 15.61 66.53
C ALA D 193 -54.89 15.53 65.66
N CYS D 194 -55.06 16.03 64.44
N CYS D 194 -55.01 15.98 64.38
CA CYS D 194 -54.06 16.15 63.42
CA CYS D 194 -53.83 16.09 63.50
C CYS D 194 -53.91 17.64 63.16
C CYS D 194 -53.78 17.51 62.98
N GLU D 195 -52.69 18.19 63.29
CA GLU D 195 -52.43 19.58 62.98
C GLU D 195 -51.54 19.63 61.76
N VAL D 196 -52.00 20.34 60.73
CA VAL D 196 -51.30 20.40 59.45
C VAL D 196 -50.77 21.80 59.19
N THR D 197 -49.49 21.88 58.84
CA THR D 197 -48.82 23.10 58.44
C THR D 197 -48.50 22.99 56.95
N HIS D 198 -48.92 24.00 56.17
CA HIS D 198 -48.68 24.07 54.73
C HIS D 198 -48.82 25.54 54.32
N GLN D 199 -47.94 26.01 53.44
CA GLN D 199 -47.95 27.41 52.96
C GLN D 199 -49.25 27.95 52.38
N GLY D 200 -50.05 27.04 51.79
CA GLY D 200 -51.36 27.38 51.24
C GLY D 200 -52.44 27.69 52.26
N LEU D 201 -52.32 27.19 53.48
CA LEU D 201 -53.35 27.38 54.53
C LEU D 201 -53.31 28.80 55.12
N SER D 202 -54.47 29.29 55.63
CA SER D 202 -54.54 30.58 56.32
C SER D 202 -53.60 30.58 57.55
N SER D 203 -53.47 29.44 58.26
CA SER D 203 -52.61 29.17 59.45
C SER D 203 -52.74 27.63 59.74
N PRO D 204 -51.94 26.98 60.64
CA PRO D 204 -52.08 25.51 60.83
C PRO D 204 -53.51 25.07 61.09
N VAL D 205 -53.96 24.09 60.33
CA VAL D 205 -55.32 23.60 60.50
C VAL D 205 -55.32 22.33 61.35
N THR D 206 -56.27 22.25 62.28
CA THR D 206 -56.40 21.08 63.13
C THR D 206 -57.74 20.41 62.82
N LYS D 207 -57.71 19.09 62.61
CA LYS D 207 -58.90 18.24 62.45
C LYS D 207 -58.88 17.32 63.62
N SER D 208 -60.00 17.18 64.30
CA SER D 208 -60.07 16.33 65.49
C SER D 208 -61.42 15.62 65.70
N PHE D 209 -61.41 14.65 66.59
CA PHE D 209 -62.59 13.92 67.04
C PHE D 209 -62.43 13.61 68.53
N ASN D 210 -63.56 13.42 69.21
CA ASN D 210 -63.58 13.03 70.62
C ASN D 210 -63.90 11.55 70.63
N ARG D 211 -63.04 10.74 71.24
CA ARG D 211 -63.23 9.29 71.35
C ARG D 211 -64.63 8.89 71.90
N GLY D 212 -65.35 8.08 71.15
CA GLY D 212 -66.67 7.55 71.50
C GLY D 212 -67.87 8.46 71.27
N GLU D 213 -67.66 9.70 70.75
CA GLU D 213 -68.72 10.68 70.53
C GLU D 213 -69.25 10.70 69.08
N ASP E 1 13.62 5.98 10.76
CA ASP E 1 13.76 4.53 10.68
C ASP E 1 14.29 4.05 9.32
N PHE E 2 14.92 2.85 9.30
CA PHE E 2 15.46 2.29 8.05
C PHE E 2 14.53 1.31 7.42
N GLY E 3 14.57 1.25 6.07
CA GLY E 3 13.82 0.23 5.35
C GLY E 3 14.59 -1.06 5.57
N LEU E 4 13.88 -2.17 5.64
CA LEU E 4 14.60 -3.44 5.87
C LEU E 4 14.73 -4.26 4.58
N ASP E 5 15.88 -4.96 4.43
CA ASP E 5 16.22 -5.85 3.30
C ASP E 5 16.35 -7.29 3.77
N CYS E 6 15.61 -8.19 3.13
CA CYS E 6 15.55 -9.62 3.45
C CYS E 6 15.94 -10.51 2.25
N ASP E 7 16.07 -11.82 2.52
CA ASP E 7 16.32 -12.90 1.56
C ASP E 7 15.77 -14.20 2.16
N GLU E 8 16.20 -15.40 1.68
CA GLU E 8 15.68 -16.65 2.26
C GLU E 8 16.67 -17.34 3.21
N GLU E 12 13.22 -12.32 9.98
CA GLU E 12 12.70 -10.96 9.77
C GLU E 12 11.24 -10.92 9.25
N SER E 13 10.27 -10.67 10.18
CA SER E 13 8.81 -10.65 9.93
C SER E 13 8.21 -9.29 9.57
N ARG E 14 8.94 -8.19 9.87
N ARG E 14 8.95 -8.19 9.84
CA ARG E 14 8.47 -6.82 9.59
CA ARG E 14 8.50 -6.83 9.56
C ARG E 14 8.55 -6.58 8.07
C ARG E 14 8.52 -6.60 8.05
N CYS E 15 7.76 -5.60 7.59
CA CYS E 15 7.68 -5.14 6.19
C CYS E 15 9.09 -5.02 5.70
N CYS E 16 9.42 -5.86 4.71
CA CYS E 16 10.77 -6.02 4.21
C CYS E 16 10.84 -6.07 2.68
N ARG E 17 12.01 -5.72 2.12
CA ARG E 17 12.25 -5.83 0.68
C ARG E 17 12.93 -7.15 0.36
N TYR E 18 12.25 -7.99 -0.44
CA TYR E 18 12.75 -9.29 -0.88
C TYR E 18 13.28 -9.23 -2.32
N PRO E 19 14.33 -10.01 -2.66
CA PRO E 19 14.85 -9.98 -4.04
C PRO E 19 13.97 -10.74 -5.01
N LEU E 20 13.89 -10.25 -6.25
CA LEU E 20 13.17 -10.90 -7.32
C LEU E 20 13.76 -10.40 -8.62
N THR E 21 14.19 -11.34 -9.46
CA THR E 21 14.77 -11.02 -10.77
C THR E 21 13.75 -11.33 -11.85
N VAL E 22 13.47 -10.32 -12.71
CA VAL E 22 12.53 -10.49 -13.84
C VAL E 22 13.38 -10.89 -15.04
N ASP E 23 12.97 -11.95 -15.74
CA ASP E 23 13.64 -12.46 -16.94
C ASP E 23 12.61 -12.40 -18.09
N PHE E 24 12.73 -11.36 -18.96
CA PHE E 24 11.79 -11.16 -20.08
C PHE E 24 11.89 -12.26 -21.11
N GLU E 25 13.12 -12.73 -21.39
CA GLU E 25 13.39 -13.77 -22.37
C GLU E 25 12.70 -15.06 -21.96
N ALA E 26 12.77 -15.43 -20.64
CA ALA E 26 12.09 -16.59 -20.07
C ALA E 26 10.57 -16.39 -20.08
N PHE E 27 10.14 -15.13 -20.02
CA PHE E 27 8.71 -14.76 -20.07
C PHE E 27 8.15 -14.88 -21.50
N GLY E 28 9.03 -14.94 -22.50
CA GLY E 28 8.65 -15.03 -23.91
C GLY E 28 8.51 -13.69 -24.60
N TRP E 29 8.99 -12.61 -23.96
CA TRP E 29 8.92 -11.25 -24.48
C TRP E 29 10.23 -10.82 -25.15
N ASP E 30 10.49 -11.41 -26.33
CA ASP E 30 11.71 -11.11 -27.10
C ASP E 30 11.67 -9.73 -27.81
N TRP E 31 10.53 -9.00 -27.72
CA TRP E 31 10.44 -7.64 -28.25
C TRP E 31 11.30 -6.71 -27.37
N ILE E 32 11.66 -7.19 -26.17
CA ILE E 32 12.54 -6.43 -25.27
C ILE E 32 13.95 -6.97 -25.52
N ILE E 33 14.84 -6.14 -26.09
CA ILE E 33 16.22 -6.60 -26.35
C ILE E 33 17.02 -6.57 -25.04
N ALA E 34 16.94 -5.46 -24.31
CA ALA E 34 17.72 -5.27 -23.10
C ALA E 34 16.94 -4.42 -22.07
N PRO E 35 17.14 -4.67 -20.77
CA PRO E 35 17.90 -5.80 -20.17
C PRO E 35 17.08 -7.10 -20.30
N LYS E 36 17.71 -8.24 -20.58
CA LYS E 36 16.93 -9.48 -20.63
C LYS E 36 16.54 -9.90 -19.21
N ARG E 37 17.37 -9.52 -18.22
CA ARG E 37 17.15 -9.82 -16.79
C ARG E 37 17.48 -8.61 -15.95
N TYR E 38 16.70 -8.34 -14.88
CA TYR E 38 16.98 -7.22 -14.00
C TYR E 38 16.43 -7.48 -12.60
N LYS E 39 17.10 -6.91 -11.57
CA LYS E 39 16.67 -7.01 -10.17
C LYS E 39 15.52 -6.02 -9.99
N ALA E 40 14.32 -6.56 -9.73
CA ALA E 40 13.09 -5.77 -9.60
C ALA E 40 12.66 -5.67 -8.11
N ASN E 41 12.67 -6.80 -7.38
CA ASN E 41 12.34 -6.91 -5.95
C ASN E 41 10.86 -6.69 -5.62
N TYR E 42 10.48 -6.85 -4.34
CA TYR E 42 9.10 -6.60 -3.89
C TYR E 42 9.06 -6.37 -2.38
N CYS E 43 7.89 -5.97 -1.89
CA CYS E 43 7.65 -5.69 -0.48
C CYS E 43 6.70 -6.72 0.14
N SER E 44 7.09 -7.23 1.32
CA SER E 44 6.27 -8.19 2.06
C SER E 44 6.57 -8.10 3.54
N GLY E 45 5.54 -8.30 4.35
CA GLY E 45 5.72 -8.30 5.79
C GLY E 45 4.67 -7.52 6.57
N GLU E 46 4.82 -7.58 7.90
CA GLU E 46 3.94 -7.00 8.91
C GLU E 46 4.11 -5.50 9.11
N CYS E 47 2.99 -4.83 9.39
CA CYS E 47 2.95 -3.39 9.61
C CYS E 47 2.58 -2.97 11.05
N GLU E 48 1.28 -3.03 11.39
CA GLU E 48 0.77 -2.63 12.71
C GLU E 48 0.42 -3.82 13.58
N PHE E 49 0.37 -3.61 14.92
CA PHE E 49 -0.11 -4.62 15.85
C PHE E 49 -1.58 -4.80 15.45
N VAL E 50 -2.00 -6.03 15.25
CA VAL E 50 -3.38 -6.29 14.85
C VAL E 50 -4.29 -6.61 16.06
N PHE E 51 -5.18 -5.68 16.40
CA PHE E 51 -6.17 -5.88 17.46
C PHE E 51 -7.06 -7.03 17.09
N LEU E 52 -7.35 -7.88 18.08
CA LEU E 52 -8.19 -9.04 17.88
C LEU E 52 -9.52 -8.67 17.24
N GLN E 53 -10.13 -7.55 17.71
CA GLN E 53 -11.42 -7.01 17.24
C GLN E 53 -11.43 -6.66 15.75
N LYS E 54 -10.26 -6.42 15.17
CA LYS E 54 -10.06 -6.08 13.75
C LYS E 54 -10.06 -7.32 12.83
N TYR E 55 -9.77 -8.53 13.39
CA TYR E 55 -9.72 -9.76 12.58
C TYR E 55 -10.91 -10.00 11.64
N PRO E 56 -12.21 -9.99 12.11
CA PRO E 56 -13.33 -10.19 11.17
C PRO E 56 -13.34 -9.20 10.00
N HIS E 57 -12.98 -7.91 10.23
CA HIS E 57 -12.89 -6.87 9.18
C HIS E 57 -11.90 -7.33 8.08
N THR E 58 -10.67 -7.68 8.49
CA THR E 58 -9.58 -8.15 7.61
C THR E 58 -10.02 -9.39 6.84
N HIS E 59 -10.63 -10.36 7.53
CA HIS E 59 -11.14 -11.61 6.96
C HIS E 59 -12.27 -11.39 5.96
N LEU E 60 -13.27 -10.56 6.30
CA LEU E 60 -14.40 -10.28 5.42
C LEU E 60 -13.98 -9.51 4.17
N VAL E 61 -13.00 -8.60 4.32
CA VAL E 61 -12.47 -7.81 3.19
C VAL E 61 -11.85 -8.77 2.15
N HIS E 62 -11.01 -9.71 2.61
CA HIS E 62 -10.36 -10.73 1.77
C HIS E 62 -11.37 -11.58 0.98
N GLN E 63 -12.48 -11.98 1.64
CA GLN E 63 -13.57 -12.75 1.03
C GLN E 63 -14.36 -11.90 0.03
N ALA E 64 -14.46 -10.57 0.26
CA ALA E 64 -15.14 -9.64 -0.65
C ALA E 64 -14.29 -9.34 -1.90
N ASN E 65 -12.95 -9.23 -1.71
CA ASN E 65 -11.98 -8.92 -2.75
C ASN E 65 -10.57 -9.18 -2.19
N PRO E 66 -9.83 -10.22 -2.69
CA PRO E 66 -8.48 -10.48 -2.13
C PRO E 66 -7.46 -9.35 -2.36
N ARG E 67 -7.77 -8.43 -3.29
CA ARG E 67 -6.92 -7.28 -3.62
C ARG E 67 -7.25 -6.08 -2.71
N GLY E 68 -8.34 -6.18 -1.94
CA GLY E 68 -8.78 -5.12 -1.05
C GLY E 68 -7.85 -4.85 0.12
N SER E 69 -7.86 -3.60 0.62
CA SER E 69 -7.05 -3.22 1.79
C SER E 69 -7.93 -2.49 2.79
N ALA E 70 -7.88 -2.90 4.05
CA ALA E 70 -8.66 -2.28 5.12
C ALA E 70 -7.73 -1.76 6.24
N GLY E 71 -6.44 -1.62 5.93
CA GLY E 71 -5.41 -1.17 6.87
C GLY E 71 -4.08 -0.90 6.19
N PRO E 72 -2.98 -0.68 6.96
CA PRO E 72 -1.66 -0.42 6.33
C PRO E 72 -1.21 -1.48 5.35
N CYS E 73 -0.53 -1.01 4.31
CA CYS E 73 -0.03 -1.81 3.22
C CYS E 73 1.50 -1.78 3.19
N CYS E 74 2.15 -2.98 3.12
CA CYS E 74 3.62 -3.07 3.02
C CYS E 74 3.88 -2.89 1.53
N THR E 75 4.45 -1.76 1.17
CA THR E 75 4.55 -1.38 -0.25
C THR E 75 5.78 -0.52 -0.51
N PRO E 76 6.23 -0.35 -1.79
CA PRO E 76 7.42 0.46 -2.02
C PRO E 76 7.32 1.91 -1.54
N THR E 77 8.40 2.39 -0.93
CA THR E 77 8.50 3.79 -0.51
C THR E 77 9.49 4.54 -1.38
N LYS E 78 10.38 3.79 -2.06
CA LYS E 78 11.32 4.33 -3.05
C LYS E 78 11.41 3.36 -4.24
N MET E 79 11.30 3.90 -5.46
CA MET E 79 11.41 3.10 -6.68
C MET E 79 12.29 3.81 -7.68
N SER E 80 12.88 3.04 -8.61
CA SER E 80 13.77 3.55 -9.64
C SER E 80 13.35 3.14 -11.05
N PRO E 81 13.68 3.97 -12.04
CA PRO E 81 13.40 3.58 -13.43
C PRO E 81 14.52 2.69 -13.97
N ILE E 82 14.30 2.12 -15.15
CA ILE E 82 15.34 1.42 -15.94
C ILE E 82 15.25 1.91 -17.38
N ASN E 83 16.43 2.05 -18.04
CA ASN E 83 16.48 2.39 -19.46
C ASN E 83 16.43 1.06 -20.17
N MET E 84 15.48 0.89 -21.05
CA MET E 84 15.28 -0.37 -21.74
C MET E 84 15.45 -0.18 -23.24
N LEU E 85 15.81 -1.24 -23.94
CA LEU E 85 15.96 -1.23 -25.39
C LEU E 85 14.95 -2.21 -25.94
N TYR E 86 14.02 -1.74 -26.79
CA TYR E 86 12.95 -2.61 -27.30
C TYR E 86 12.42 -2.22 -28.68
N PHE E 87 11.83 -3.18 -29.38
CA PHE E 87 11.21 -2.99 -30.67
C PHE E 87 9.85 -2.33 -30.42
N ASN E 88 9.53 -1.28 -31.19
CA ASN E 88 8.24 -0.62 -31.08
C ASN E 88 7.30 -1.23 -32.13
N GLY E 89 6.14 -0.62 -32.35
CA GLY E 89 5.15 -1.13 -33.29
C GLY E 89 5.37 -0.79 -34.76
N LYS E 90 6.41 0.03 -35.08
CA LYS E 90 6.72 0.45 -36.46
C LYS E 90 8.09 -0.08 -36.98
N GLU E 91 8.49 -1.28 -36.51
CA GLU E 91 9.74 -1.95 -36.90
C GLU E 91 11.00 -1.09 -36.61
N GLN E 92 10.96 -0.31 -35.52
CA GLN E 92 12.07 0.52 -35.05
C GLN E 92 12.49 0.01 -33.69
N ILE E 93 13.67 0.43 -33.23
CA ILE E 93 14.15 0.02 -31.90
C ILE E 93 14.36 1.29 -31.10
N ILE E 94 13.82 1.30 -29.89
CA ILE E 94 13.81 2.46 -29.00
C ILE E 94 14.54 2.23 -27.69
N TYR E 95 15.24 3.25 -27.20
CA TYR E 95 15.84 3.27 -25.86
C TYR E 95 14.90 4.17 -25.04
N GLY E 96 14.17 3.56 -24.13
CA GLY E 96 13.18 4.29 -23.34
C GLY E 96 13.36 4.09 -21.84
N LYS E 97 13.19 5.19 -21.08
CA LYS E 97 13.29 5.21 -19.63
C LYS E 97 11.90 4.82 -19.13
N ILE E 98 11.80 3.64 -18.49
CA ILE E 98 10.52 3.10 -17.99
C ILE E 98 10.49 3.35 -16.49
N PRO E 99 9.51 4.13 -15.99
CA PRO E 99 9.54 4.49 -14.56
C PRO E 99 9.12 3.36 -13.63
N ALA E 100 9.55 3.49 -12.37
CA ALA E 100 9.15 2.61 -11.26
C ALA E 100 9.24 1.12 -11.58
N MET E 101 10.40 0.71 -12.11
CA MET E 101 10.64 -0.70 -12.45
C MET E 101 11.37 -1.46 -11.33
N VAL E 102 12.12 -0.76 -10.49
CA VAL E 102 12.93 -1.37 -9.44
C VAL E 102 12.44 -0.90 -8.07
N VAL E 103 12.18 -1.86 -7.16
CA VAL E 103 11.81 -1.52 -5.79
C VAL E 103 13.11 -1.26 -5.04
N ASP E 104 13.30 -0.03 -4.54
CA ASP E 104 14.48 0.37 -3.78
C ASP E 104 14.29 0.22 -2.27
N ARG E 105 13.08 0.55 -1.76
CA ARG E 105 12.83 0.50 -0.31
C ARG E 105 11.35 0.20 -0.08
N CYS E 106 11.06 -0.48 1.04
CA CYS E 106 9.69 -0.88 1.42
C CYS E 106 9.30 -0.21 2.75
N GLY E 107 8.01 0.04 2.89
CA GLY E 107 7.48 0.65 4.10
C GLY E 107 5.98 0.49 4.21
N CYS E 108 5.46 0.72 5.41
CA CYS E 108 4.04 0.64 5.70
C CYS E 108 3.34 1.94 5.48
N SER E 109 2.25 1.90 4.73
CA SER E 109 1.43 3.07 4.41
C SER E 109 0.69 3.55 5.69
N ASP F 1 -6.97 16.76 -3.98
CA ASP F 1 -7.88 15.80 -4.60
C ASP F 1 -8.81 15.10 -3.58
N PHE F 2 -9.95 14.56 -4.05
CA PHE F 2 -10.89 13.85 -3.17
C PHE F 2 -10.71 12.36 -3.27
N GLY F 3 -11.00 11.67 -2.16
CA GLY F 3 -11.04 10.22 -2.15
C GLY F 3 -12.30 9.81 -2.89
N LEU F 4 -12.30 8.65 -3.54
CA LEU F 4 -13.51 8.20 -4.25
C LEU F 4 -14.30 7.15 -3.45
N ASP F 5 -15.65 7.26 -3.49
CA ASP F 5 -16.60 6.34 -2.83
C ASP F 5 -17.42 5.59 -3.87
N CYS F 6 -17.39 4.25 -3.79
CA CYS F 6 -18.09 3.34 -4.70
C CYS F 6 -19.10 2.43 -3.97
N ASP F 7 -19.96 1.73 -4.75
CA ASP F 7 -20.95 0.75 -4.24
C ASP F 7 -21.07 -0.47 -5.15
N GLU F 8 -22.29 -1.07 -5.26
CA GLU F 8 -22.59 -2.25 -6.07
C GLU F 8 -23.51 -1.88 -7.22
N CYS F 15 -8.87 3.73 -7.59
CA CYS F 15 -8.75 3.42 -6.16
C CYS F 15 -9.94 4.05 -5.50
N CYS F 16 -10.81 3.21 -4.93
CA CYS F 16 -12.09 3.60 -4.39
C CYS F 16 -12.39 2.95 -3.03
N ARG F 17 -13.26 3.59 -2.25
CA ARG F 17 -13.71 3.04 -0.97
C ARG F 17 -15.06 2.33 -1.18
N TYR F 18 -15.08 1.02 -0.92
CA TYR F 18 -16.26 0.18 -1.04
C TYR F 18 -16.89 -0.09 0.33
N PRO F 19 -18.23 -0.21 0.41
CA PRO F 19 -18.85 -0.46 1.72
C PRO F 19 -18.70 -1.91 2.13
N LEU F 20 -18.56 -2.14 3.44
CA LEU F 20 -18.49 -3.47 4.02
C LEU F 20 -18.91 -3.32 5.47
N THR F 21 -19.94 -4.07 5.86
CA THR F 21 -20.46 -4.07 7.23
C THR F 21 -19.98 -5.32 7.92
N VAL F 22 -19.33 -5.15 9.08
CA VAL F 22 -18.86 -6.27 9.89
C VAL F 22 -19.97 -6.57 10.90
N ASP F 23 -20.38 -7.84 10.97
CA ASP F 23 -21.39 -8.32 11.93
C ASP F 23 -20.71 -9.36 12.83
N PHE F 24 -20.34 -8.95 14.05
CA PHE F 24 -19.63 -9.83 14.99
C PHE F 24 -20.51 -11.00 15.43
N GLU F 25 -21.81 -10.73 15.65
CA GLU F 25 -22.76 -11.73 16.10
C GLU F 25 -22.88 -12.85 15.07
N ALA F 26 -22.95 -12.49 13.76
CA ALA F 26 -22.98 -13.43 12.64
C ALA F 26 -21.64 -14.15 12.51
N PHE F 27 -20.55 -13.49 12.95
CA PHE F 27 -19.20 -14.08 12.93
C PHE F 27 -19.01 -15.11 14.07
N GLY F 28 -19.91 -15.07 15.07
CA GLY F 28 -19.86 -15.97 16.23
C GLY F 28 -19.08 -15.42 17.40
N TRP F 29 -18.76 -14.11 17.36
CA TRP F 29 -18.00 -13.44 18.41
C TRP F 29 -18.93 -12.67 19.37
N ASP F 30 -19.66 -13.43 20.19
CA ASP F 30 -20.58 -12.83 21.18
C ASP F 30 -19.87 -12.21 22.41
N TRP F 31 -18.50 -12.34 22.48
CA TRP F 31 -17.73 -11.67 23.54
C TRP F 31 -17.75 -10.15 23.30
N ILE F 32 -18.07 -9.72 22.08
CA ILE F 32 -18.26 -8.30 21.77
C ILE F 32 -19.76 -8.02 21.97
N ILE F 33 -20.10 -7.19 22.97
CA ILE F 33 -21.51 -6.86 23.20
C ILE F 33 -21.96 -5.82 22.17
N ALA F 34 -21.16 -4.73 22.02
CA ALA F 34 -21.51 -3.62 21.13
C ALA F 34 -20.27 -3.03 20.49
N PRO F 35 -20.37 -2.51 19.25
CA PRO F 35 -21.53 -2.61 18.33
C PRO F 35 -21.61 -4.04 17.75
N LYS F 36 -22.82 -4.60 17.57
CA LYS F 36 -22.89 -5.94 16.97
C LYS F 36 -22.59 -5.84 15.48
N ARG F 37 -22.89 -4.68 14.87
CA ARG F 37 -22.67 -4.41 13.44
C ARG F 37 -22.12 -3.01 13.27
N TYR F 38 -21.18 -2.83 12.33
CA TYR F 38 -20.62 -1.51 12.09
C TYR F 38 -20.10 -1.41 10.64
N LYS F 39 -20.17 -0.20 10.07
CA LYS F 39 -19.66 0.07 8.72
C LYS F 39 -18.13 0.18 8.84
N ALA F 40 -17.41 -0.76 8.24
CA ALA F 40 -15.96 -0.85 8.29
C ALA F 40 -15.31 -0.39 6.98
N ASN F 41 -15.83 -0.87 5.83
CA ASN F 41 -15.40 -0.52 4.46
C ASN F 41 -14.00 -1.05 4.08
N TYR F 42 -13.57 -0.81 2.82
CA TYR F 42 -12.25 -1.21 2.36
C TYR F 42 -11.86 -0.44 1.11
N CYS F 43 -10.60 -0.58 0.69
CA CYS F 43 -10.04 0.08 -0.48
C CYS F 43 -9.72 -0.89 -1.59
N SER F 44 -10.14 -0.53 -2.82
CA SER F 44 -9.89 -1.34 -4.01
C SER F 44 -9.86 -0.46 -5.26
N GLY F 45 -9.02 -0.83 -6.20
CA GLY F 45 -8.95 -0.09 -7.46
C GLY F 45 -7.55 0.23 -7.96
N GLU F 46 -7.52 0.87 -9.14
CA GLU F 46 -6.34 1.25 -9.91
C GLU F 46 -5.63 2.47 -9.39
N CYS F 47 -4.30 2.45 -9.49
CA CYS F 47 -3.45 3.55 -9.07
C CYS F 47 -2.72 4.29 -10.20
N GLU F 48 -1.66 3.69 -10.74
CA GLU F 48 -0.82 4.28 -11.80
C GLU F 48 -1.12 3.64 -13.16
N PHE F 49 -0.79 4.38 -14.25
CA PHE F 49 -0.87 3.86 -15.62
C PHE F 49 0.13 2.70 -15.59
N VAL F 50 -0.28 1.53 -16.04
CA VAL F 50 0.62 0.39 -16.03
C VAL F 50 1.37 0.19 -17.34
N PHE F 51 2.69 0.48 -17.33
CA PHE F 51 3.54 0.25 -18.52
C PHE F 51 3.56 -1.22 -18.81
N LEU F 52 3.46 -1.55 -20.10
CA LEU F 52 3.45 -2.93 -20.55
C LEU F 52 4.65 -3.70 -20.01
N GLN F 53 5.84 -3.06 -20.03
CA GLN F 53 7.13 -3.59 -19.57
C GLN F 53 7.12 -4.01 -18.09
N LYS F 54 6.21 -3.43 -17.30
CA LYS F 54 6.04 -3.70 -15.85
C LYS F 54 5.23 -4.97 -15.57
N TYR F 55 4.38 -5.40 -16.53
CA TYR F 55 3.53 -6.61 -16.35
C TYR F 55 4.24 -7.86 -15.79
N PRO F 56 5.37 -8.37 -16.41
CA PRO F 56 6.05 -9.54 -15.84
C PRO F 56 6.47 -9.36 -14.38
N HIS F 57 6.93 -8.15 -13.98
CA HIS F 57 7.31 -7.85 -12.57
C HIS F 57 6.12 -8.11 -11.64
N THR F 58 4.96 -7.48 -11.93
CA THR F 58 3.69 -7.61 -11.19
C THR F 58 3.26 -9.08 -11.11
N HIS F 59 3.31 -9.80 -12.25
CA HIS F 59 2.94 -11.20 -12.36
C HIS F 59 3.87 -12.12 -11.57
N LEU F 60 5.20 -11.93 -11.68
CA LEU F 60 6.17 -12.77 -10.96
C LEU F 60 6.11 -12.54 -9.46
N VAL F 61 5.84 -11.29 -9.03
CA VAL F 61 5.72 -10.96 -7.59
C VAL F 61 4.54 -11.75 -6.98
N HIS F 62 3.38 -11.76 -7.66
CA HIS F 62 2.17 -12.48 -7.25
C HIS F 62 2.43 -13.99 -7.09
N GLN F 63 3.19 -14.59 -8.03
CA GLN F 63 3.59 -16.01 -8.01
C GLN F 63 4.59 -16.28 -6.86
N ALA F 64 5.44 -15.28 -6.52
CA ALA F 64 6.41 -15.42 -5.42
C ALA F 64 5.73 -15.29 -4.04
N ASN F 65 4.72 -14.40 -3.94
CA ASN F 65 3.96 -14.11 -2.73
C ASN F 65 2.73 -13.29 -3.11
N PRO F 66 1.48 -13.82 -2.98
CA PRO F 66 0.29 -13.04 -3.37
C PRO F 66 0.04 -11.80 -2.52
N ARG F 67 0.69 -11.73 -1.35
CA ARG F 67 0.60 -10.60 -0.43
C ARG F 67 1.62 -9.50 -0.78
N GLY F 68 2.58 -9.82 -1.67
CA GLY F 68 3.62 -8.92 -2.10
C GLY F 68 3.15 -7.71 -2.88
N SER F 69 3.92 -6.62 -2.80
CA SER F 69 3.62 -5.41 -3.54
C SER F 69 4.90 -4.93 -4.24
N ALA F 70 4.79 -4.61 -5.53
CA ALA F 70 5.93 -4.12 -6.31
C ALA F 70 5.60 -2.76 -6.95
N GLY F 71 4.60 -2.09 -6.42
CA GLY F 71 4.17 -0.79 -6.87
C GLY F 71 3.16 -0.14 -5.95
N PRO F 72 2.48 0.94 -6.40
CA PRO F 72 1.47 1.58 -5.53
C PRO F 72 0.37 0.65 -5.05
N CYS F 73 -0.07 0.91 -3.82
CA CYS F 73 -1.08 0.14 -3.12
C CYS F 73 -2.31 1.02 -2.87
N CYS F 74 -3.52 0.52 -3.24
CA CYS F 74 -4.78 1.24 -2.98
C CYS F 74 -5.10 0.86 -1.54
N THR F 75 -4.99 1.81 -0.63
CA THR F 75 -5.08 1.50 0.80
C THR F 75 -5.66 2.68 1.58
N PRO F 76 -6.12 2.50 2.84
CA PRO F 76 -6.67 3.63 3.57
C PRO F 76 -5.72 4.80 3.78
N THR F 77 -6.23 6.02 3.60
CA THR F 77 -5.46 7.24 3.86
C THR F 77 -5.98 7.92 5.11
N LYS F 78 -7.23 7.58 5.51
CA LYS F 78 -7.86 8.08 6.72
C LYS F 78 -8.66 6.95 7.35
N MET F 79 -8.49 6.76 8.67
CA MET F 79 -9.21 5.73 9.42
C MET F 79 -9.67 6.28 10.72
N SER F 80 -10.71 5.68 11.29
CA SER F 80 -11.31 6.09 12.54
C SER F 80 -11.42 4.95 13.56
N PRO F 81 -11.36 5.30 14.85
CA PRO F 81 -11.55 4.28 15.89
C PRO F 81 -13.05 4.05 16.13
N ILE F 82 -13.38 3.03 16.93
CA ILE F 82 -14.72 2.78 17.45
C ILE F 82 -14.60 2.45 18.94
N ASN F 83 -15.56 2.94 19.75
CA ASN F 83 -15.63 2.60 21.17
C ASN F 83 -16.46 1.34 21.20
N MET F 84 -15.90 0.28 21.76
CA MET F 84 -16.55 -1.01 21.78
C MET F 84 -16.81 -1.45 23.20
N LEU F 85 -17.82 -2.30 23.39
CA LEU F 85 -18.13 -2.84 24.70
C LEU F 85 -17.95 -4.35 24.61
N TYR F 86 -17.06 -4.92 25.42
CA TYR F 86 -16.75 -6.36 25.30
C TYR F 86 -16.30 -7.00 26.62
N PHE F 87 -16.49 -8.32 26.72
CA PHE F 87 -16.06 -9.11 27.86
C PHE F 87 -14.55 -9.30 27.72
N ASN F 88 -13.81 -9.14 28.82
CA ASN F 88 -12.38 -9.38 28.81
C ASN F 88 -12.14 -10.81 29.31
N GLY F 89 -10.89 -11.16 29.60
CA GLY F 89 -10.54 -12.50 30.06
C GLY F 89 -10.74 -12.78 31.54
N LYS F 90 -11.14 -11.76 32.34
CA LYS F 90 -11.36 -11.88 33.79
C LYS F 90 -12.84 -11.69 34.22
N GLU F 91 -13.79 -12.09 33.35
CA GLU F 91 -15.23 -11.99 33.59
C GLU F 91 -15.68 -10.55 33.92
N GLN F 92 -15.04 -9.56 33.28
CA GLN F 92 -15.39 -8.15 33.42
C GLN F 92 -15.83 -7.64 32.04
N ILE F 93 -16.49 -6.48 32.01
CA ILE F 93 -16.91 -5.90 30.72
C ILE F 93 -16.24 -4.54 30.62
N ILE F 94 -15.60 -4.30 29.48
CA ILE F 94 -14.82 -3.11 29.21
C ILE F 94 -15.36 -2.28 28.06
N TYR F 95 -15.30 -0.94 28.19
CA TYR F 95 -15.59 0.01 27.11
C TYR F 95 -14.20 0.49 26.65
N GLY F 96 -13.81 0.03 25.46
CA GLY F 96 -12.47 0.34 24.96
C GLY F 96 -12.49 0.94 23.58
N LYS F 97 -11.63 1.95 23.37
CA LYS F 97 -11.47 2.66 22.10
C LYS F 97 -10.49 1.80 21.28
N ILE F 98 -10.98 1.20 20.17
CA ILE F 98 -10.18 0.32 19.32
C ILE F 98 -9.77 1.12 18.10
N PRO F 99 -8.47 1.35 17.86
CA PRO F 99 -8.08 2.24 16.75
C PRO F 99 -8.23 1.60 15.38
N ALA F 100 -8.32 2.46 14.36
CA ALA F 100 -8.32 2.10 12.94
C ALA F 100 -9.29 0.98 12.58
N MET F 101 -10.54 1.11 13.05
CA MET F 101 -11.58 0.11 12.77
C MET F 101 -12.44 0.47 11.54
N VAL F 102 -12.51 1.75 11.19
CA VAL F 102 -13.34 2.24 10.10
C VAL F 102 -12.48 2.88 9.02
N VAL F 103 -12.66 2.44 7.75
CA VAL F 103 -11.96 3.08 6.63
C VAL F 103 -12.78 4.32 6.25
N ASP F 104 -12.17 5.50 6.38
CA ASP F 104 -12.82 6.76 6.05
C ASP F 104 -12.54 7.22 4.60
N ARG F 105 -11.29 6.96 4.12
CA ARG F 105 -10.82 7.41 2.82
C ARG F 105 -9.74 6.50 2.28
N CYS F 106 -9.72 6.32 0.95
CA CYS F 106 -8.78 5.47 0.23
C CYS F 106 -7.89 6.29 -0.69
N GLY F 107 -6.66 5.83 -0.88
CA GLY F 107 -5.68 6.49 -1.73
C GLY F 107 -4.53 5.59 -2.12
N CYS F 108 -3.80 5.99 -3.14
CA CYS F 108 -2.65 5.25 -3.66
C CYS F 108 -1.37 5.66 -2.99
N SER F 109 -0.61 4.68 -2.52
CA SER F 109 0.67 4.90 -1.84
C SER F 109 1.71 5.40 -2.84
C1 GOL G . 35.54 -2.88 -46.62
O1 GOL G . 36.38 -2.81 -47.75
C2 GOL G . 36.42 -2.84 -45.35
O2 GOL G . 37.02 -1.53 -45.12
C3 GOL G . 37.47 -3.97 -45.44
O3 GOL G . 37.84 -4.35 -44.10
C1 GOL H . 45.12 -6.72 -49.73
O1 GOL H . 44.11 -7.73 -49.85
C2 GOL H . 45.17 -5.67 -48.56
O2 GOL H . 44.67 -4.38 -49.09
C3 GOL H . 46.71 -5.51 -48.42
O3 GOL H . 47.27 -5.09 -47.18
C1 GOL I . 51.04 2.32 -53.68
O1 GOL I . 52.44 2.51 -53.80
C2 GOL I . 50.62 0.85 -53.35
O2 GOL I . 50.42 0.02 -54.52
C3 GOL I . 51.48 0.04 -52.39
O3 GOL I . 50.52 -0.84 -51.82
C1 GOL J . -50.44 4.96 54.03
O1 GOL J . -49.86 4.01 53.08
C2 GOL J . -49.51 4.75 55.25
O2 GOL J . -49.86 3.50 55.89
C3 GOL J . -49.41 5.93 56.27
O3 GOL J . -50.73 6.29 56.59
C1 GOL K . -40.24 -1.85 44.43
O1 GOL K . -40.16 -1.06 43.27
C2 GOL K . -39.09 -1.49 45.37
O2 GOL K . -38.30 -0.33 45.02
C3 GOL K . -38.27 -2.72 45.72
O3 GOL K . -38.59 -2.98 47.09
#